data_4NOD
#
_entry.id   4NOD
#
_cell.length_a   56.372
_cell.length_b   82.490
_cell.length_c   104.222
_cell.angle_alpha   79.86
_cell.angle_beta   85.48
_cell.angle_gamma   84.53
#
_symmetry.space_group_name_H-M   'P 1'
#
loop_
_entity.id
_entity.type
_entity.pdbx_description
1 polymer 'Transcription factor A, mitochondrial'
2 polymer "5'-D(*TP*TP*GP*GP*GP*GP*TP*AP*TP*GP*GP*GP*GP*CP*TP*TP*GP*GP*(BRU)P*TP*GP*G)-3'"
3 polymer "5'-D(*CP*CP*AP*AP*CP*CP*AP*AP*GP*CP*CP*CP*CP*AP*TP*AP*CP*CP*CP*CP*AP*A)-3'"
#
loop_
_entity_poly.entity_id
_entity_poly.type
_entity_poly.pdbx_seq_one_letter_code
_entity_poly.pdbx_strand_id
1 'polypeptide(L)'
;MGSSHHHHHHSSGLVPRGSHMASMTGGQQMGRGSMSSVLASCPKKPVSSYLRFSKEQLPIFKAQNPDAKTTELIRRIAQR
WRELPDSKKKIYQDAYRAEWQVYKEEISRFKEQLTPSQIMSLEKEIMDKHLKRKAMTKKKELTLLGKPKRPRSAYNVYVA
ERFQEAKGDSPQEKLKTVKENWKNLSDSEKELYIQHAKEDETRYHNEMKSWEEQMIEVGRKDLLRRTIKK
;
A,B,G,H
2 'polydeoxyribonucleotide'
;(DT)(DT)(DG)(DG)(DG)(DG)(DT)(DA)(DT)(DG)(DG)(DG)(DG)(DC)(DT)(DT)(DG)(DG)(BRU)
(DT)(DG)(DG)
;
C,E,I,K
3 'polydeoxyribonucleotide'
;(DC)(DC)(DA)(DA)(DC)(DC)(DA)(DA)(DG)(DC)(DC)(DC)(DC)(DA)(DT)(DA)(DC)(DC)(DC)(DC)
(DA)(DA)
;
D,F,J,L
#
# COMPACT_ATOMS: atom_id res chain seq x y z
N SER A 37 39.17 22.37 -6.15
CA SER A 37 38.87 23.58 -5.36
C SER A 37 39.61 23.48 -4.02
N VAL A 38 39.40 22.36 -3.33
CA VAL A 38 39.97 22.08 -2.03
C VAL A 38 40.42 20.66 -2.26
N LEU A 39 39.73 20.03 -3.20
CA LEU A 39 39.96 18.65 -3.60
C LEU A 39 40.97 18.61 -4.75
N ALA A 40 41.05 19.72 -5.47
CA ALA A 40 42.11 19.91 -6.45
C ALA A 40 43.44 19.77 -5.74
N SER A 41 43.49 20.12 -4.45
CA SER A 41 44.71 19.98 -3.69
C SER A 41 45.02 18.55 -3.20
N CYS A 42 44.29 17.56 -3.71
CA CYS A 42 44.43 16.20 -3.23
C CYS A 42 45.77 15.66 -3.67
N PRO A 43 46.53 15.01 -2.76
CA PRO A 43 47.86 14.52 -3.10
C PRO A 43 47.75 13.45 -4.17
N LYS A 44 48.68 13.46 -5.11
CA LYS A 44 48.66 12.58 -6.25
C LYS A 44 49.50 11.34 -5.99
N LYS A 45 49.18 10.26 -6.68
CA LYS A 45 49.89 9.02 -6.49
C LYS A 45 51.16 9.12 -7.30
N PRO A 46 52.26 8.60 -6.76
CA PRO A 46 53.53 8.53 -7.45
C PRO A 46 53.49 7.62 -8.66
N VAL A 47 54.23 7.94 -9.71
CA VAL A 47 54.23 7.03 -10.85
C VAL A 47 55.33 6.00 -10.68
N SER A 48 55.21 4.90 -11.40
CA SER A 48 56.09 3.74 -11.20
C SER A 48 57.45 3.97 -11.85
N SER A 49 58.39 3.11 -11.47
CA SER A 49 59.75 3.13 -11.96
C SER A 49 59.92 3.28 -13.47
N TYR A 50 59.29 2.46 -14.28
CA TYR A 50 59.44 2.72 -15.71
C TYR A 50 58.94 4.14 -16.06
N LEU A 51 57.91 4.63 -15.39
CA LEU A 51 57.41 5.93 -15.77
C LEU A 51 58.41 7.01 -15.39
N ARG A 52 59.08 6.84 -14.25
CA ARG A 52 60.08 7.81 -13.80
C ARG A 52 61.15 7.88 -14.86
N PHE A 53 61.88 6.77 -14.96
CA PHE A 53 62.86 6.59 -15.97
C PHE A 53 62.43 7.28 -17.25
N SER A 54 61.31 6.90 -17.82
CA SER A 54 60.94 7.55 -19.11
C SER A 54 60.88 9.09 -18.99
N LYS A 55 60.30 9.60 -17.90
CA LYS A 55 60.01 11.03 -17.72
C LYS A 55 61.30 11.84 -17.77
N GLU A 56 62.33 11.27 -17.20
CA GLU A 56 63.64 11.86 -17.14
C GLU A 56 64.38 11.77 -18.50
N GLN A 57 64.12 10.67 -19.21
CA GLN A 57 64.90 10.26 -20.37
C GLN A 57 64.40 10.90 -21.61
N LEU A 58 63.09 11.05 -21.70
CA LEU A 58 62.54 11.80 -22.79
C LEU A 58 63.42 13.02 -23.03
N PRO A 59 63.63 13.91 -22.00
CA PRO A 59 64.28 15.21 -22.30
C PRO A 59 65.62 15.06 -22.95
N ILE A 60 66.41 14.10 -22.42
CA ILE A 60 67.77 13.84 -22.87
C ILE A 60 67.63 13.47 -24.33
N PHE A 61 66.83 12.44 -24.61
CA PHE A 61 66.61 11.92 -25.95
C PHE A 61 66.11 12.97 -26.95
N LYS A 62 65.05 13.69 -26.66
CA LYS A 62 64.60 14.68 -27.62
C LYS A 62 65.78 15.63 -27.97
N ALA A 63 66.69 15.90 -26.99
CA ALA A 63 67.79 16.87 -27.20
C ALA A 63 68.85 16.28 -28.13
N GLN A 64 68.97 14.97 -28.10
CA GLN A 64 69.89 14.30 -28.99
C GLN A 64 69.26 13.98 -30.33
N ASN A 65 67.99 14.32 -30.52
CA ASN A 65 67.22 13.79 -31.66
C ASN A 65 66.10 14.70 -32.11
N PRO A 66 66.39 15.99 -32.32
CA PRO A 66 65.29 16.97 -32.49
C PRO A 66 64.25 16.58 -33.55
N ASP A 67 64.70 15.91 -34.61
CA ASP A 67 63.83 15.49 -35.69
C ASP A 67 63.42 14.04 -35.47
N ALA A 68 62.41 13.88 -34.62
CA ALA A 68 61.91 12.58 -34.24
C ALA A 68 60.58 12.80 -33.56
N LYS A 69 59.71 11.80 -33.62
CA LYS A 69 58.44 11.90 -32.93
C LYS A 69 58.62 11.36 -31.51
N THR A 70 57.83 11.92 -30.60
CA THR A 70 57.76 11.42 -29.24
C THR A 70 57.58 9.91 -29.18
N THR A 71 56.57 9.40 -29.89
CA THR A 71 56.23 7.96 -29.94
C THR A 71 57.47 7.09 -30.19
N GLU A 72 58.31 7.58 -31.09
CA GLU A 72 59.51 6.87 -31.47
C GLU A 72 60.48 6.82 -30.30
N LEU A 73 60.77 8.02 -29.78
CA LEU A 73 61.69 8.22 -28.67
C LEU A 73 61.27 7.35 -27.50
N ILE A 74 59.99 7.42 -27.16
CA ILE A 74 59.40 6.55 -26.16
C ILE A 74 59.71 5.06 -26.43
N ARG A 75 59.42 4.57 -27.65
CA ARG A 75 59.78 3.18 -28.01
C ARG A 75 61.27 2.93 -27.70
N ARG A 76 62.11 3.83 -28.21
CA ARG A 76 63.54 3.81 -27.91
C ARG A 76 63.86 3.74 -26.41
N ILE A 77 63.21 4.60 -25.62
CA ILE A 77 63.44 4.60 -24.16
C ILE A 77 63.03 3.29 -23.46
N ALA A 78 61.88 2.73 -23.90
CA ALA A 78 61.33 1.48 -23.37
C ALA A 78 62.33 0.35 -23.58
N GLN A 79 62.95 0.38 -24.75
CA GLN A 79 63.99 -0.57 -25.05
C GLN A 79 65.13 -0.44 -24.04
N ARG A 80 65.58 0.80 -23.84
CA ARG A 80 66.61 1.06 -22.84
C ARG A 80 66.18 0.48 -21.52
N TRP A 81 64.90 0.65 -21.19
CA TRP A 81 64.43 0.15 -19.94
C TRP A 81 64.62 -1.36 -19.87
N ARG A 82 64.10 -2.07 -20.89
CA ARG A 82 64.24 -3.52 -21.01
C ARG A 82 65.70 -3.89 -20.80
N GLU A 83 66.59 -3.24 -21.55
CA GLU A 83 68.04 -3.50 -21.49
C GLU A 83 68.67 -3.29 -20.09
N LEU A 84 68.21 -2.26 -19.37
CA LEU A 84 68.80 -1.91 -18.09
C LEU A 84 68.88 -3.08 -17.11
N PRO A 85 70.07 -3.34 -16.53
CA PRO A 85 70.26 -4.41 -15.54
C PRO A 85 69.32 -4.27 -14.35
N ASP A 86 68.93 -5.42 -13.76
CA ASP A 86 67.98 -5.44 -12.64
C ASP A 86 68.47 -4.65 -11.44
N SER A 87 69.74 -4.82 -11.10
CA SER A 87 70.38 -4.04 -10.05
C SER A 87 70.23 -2.52 -10.22
N LYS A 88 70.28 -2.04 -11.47
CA LYS A 88 69.95 -0.66 -11.77
C LYS A 88 68.44 -0.33 -11.64
N LYS A 89 67.58 -1.12 -12.30
CA LYS A 89 66.15 -0.97 -12.16
C LYS A 89 65.86 -0.84 -10.70
N LYS A 90 66.35 -1.80 -9.91
CA LYS A 90 66.08 -1.83 -8.48
C LYS A 90 66.26 -0.48 -7.79
N ILE A 91 67.05 0.40 -8.39
CA ILE A 91 67.21 1.70 -7.78
C ILE A 91 65.86 2.44 -7.90
N TYR A 92 65.31 2.52 -9.11
CA TYR A 92 64.05 3.24 -9.33
C TYR A 92 62.93 2.56 -8.57
N GLN A 93 62.99 1.23 -8.55
CA GLN A 93 62.02 0.46 -7.79
C GLN A 93 61.97 0.98 -6.37
N ASP A 94 63.11 1.00 -5.68
CA ASP A 94 63.12 1.41 -4.27
C ASP A 94 62.57 2.84 -4.13
N ALA A 95 62.91 3.68 -5.10
CA ALA A 95 62.47 5.08 -5.09
C ALA A 95 60.98 5.11 -5.08
N TYR A 96 60.38 4.28 -5.94
CA TYR A 96 58.93 4.21 -6.02
C TYR A 96 58.29 3.67 -4.75
N ARG A 97 58.86 2.60 -4.19
CA ARG A 97 58.28 1.99 -2.99
C ARG A 97 58.28 3.03 -1.88
N ALA A 98 59.39 3.75 -1.72
CA ALA A 98 59.42 4.74 -0.65
C ALA A 98 58.50 5.92 -0.95
N GLU A 99 58.32 6.22 -2.23
CA GLU A 99 57.42 7.27 -2.63
C GLU A 99 55.96 6.89 -2.45
N TRP A 100 55.66 5.60 -2.62
CA TRP A 100 54.33 5.08 -2.24
C TRP A 100 54.02 5.25 -0.73
N GLN A 101 54.98 4.91 0.14
CA GLN A 101 54.80 5.04 1.58
C GLN A 101 54.48 6.46 1.97
N VAL A 102 55.03 7.42 1.21
CA VAL A 102 54.73 8.83 1.43
C VAL A 102 53.28 9.09 1.05
N TYR A 103 52.86 8.52 -0.07
CA TYR A 103 51.49 8.75 -0.53
C TYR A 103 50.51 8.22 0.50
N LYS A 104 50.73 6.98 0.95
CA LYS A 104 49.94 6.39 2.00
C LYS A 104 49.72 7.41 3.10
N GLU A 105 50.82 7.90 3.67
CA GLU A 105 50.75 8.80 4.81
C GLU A 105 50.06 10.08 4.40
N GLU A 106 50.53 10.69 3.31
CA GLU A 106 49.90 11.87 2.76
C GLU A 106 48.38 11.76 2.64
N ILE A 107 47.85 10.75 1.95
CA ILE A 107 46.40 10.69 1.61
C ILE A 107 45.52 10.61 2.82
N SER A 108 45.93 9.76 3.78
CA SER A 108 45.22 9.61 5.02
C SER A 108 45.26 10.89 5.86
N ARG A 109 46.41 11.56 5.97
CA ARG A 109 46.42 12.85 6.66
C ARG A 109 45.46 13.78 5.97
N PHE A 110 45.31 13.60 4.66
CA PHE A 110 44.52 14.53 3.87
C PHE A 110 43.10 14.37 4.27
N LYS A 111 42.71 13.10 4.41
CA LYS A 111 41.33 12.77 4.62
C LYS A 111 40.83 13.28 5.97
N GLU A 112 41.64 13.13 7.01
CA GLU A 112 41.29 13.64 8.32
C GLU A 112 40.88 15.09 8.33
N GLN A 113 41.65 15.94 7.68
CA GLN A 113 41.31 17.35 7.67
C GLN A 113 40.06 17.68 6.80
N LEU A 114 39.37 16.67 6.30
CA LEU A 114 38.14 16.88 5.53
C LEU A 114 36.88 16.48 6.25
N THR A 115 35.80 17.16 5.93
CA THR A 115 34.51 16.87 6.56
C THR A 115 33.92 15.67 5.84
N PRO A 116 32.91 15.02 6.46
CA PRO A 116 32.33 13.85 5.78
C PRO A 116 31.64 14.16 4.44
N SER A 117 31.00 15.31 4.30
CA SER A 117 30.41 15.58 2.99
C SER A 117 31.51 15.80 2.00
N GLN A 118 32.63 16.37 2.44
CA GLN A 118 33.81 16.51 1.58
C GLN A 118 34.36 15.15 1.13
N ILE A 119 34.59 14.26 2.11
CA ILE A 119 35.10 12.95 1.86
C ILE A 119 34.27 12.31 0.78
N MET A 120 32.98 12.52 0.85
CA MET A 120 32.08 11.95 -0.15
C MET A 120 32.17 12.66 -1.49
N SER A 121 32.24 13.98 -1.50
CA SER A 121 32.27 14.65 -2.79
C SER A 121 33.56 14.28 -3.54
N LEU A 122 34.62 13.99 -2.77
CA LEU A 122 35.88 13.47 -3.32
C LEU A 122 35.61 12.22 -4.09
N GLU A 123 35.18 11.19 -3.36
CA GLU A 123 34.92 9.89 -3.96
C GLU A 123 34.00 9.98 -5.17
N LYS A 124 32.98 10.83 -5.09
CA LYS A 124 32.18 11.09 -6.27
C LYS A 124 32.96 11.73 -7.45
N GLU A 125 33.84 12.71 -7.17
CA GLU A 125 34.66 13.33 -8.22
C GLU A 125 35.45 12.24 -8.95
N ILE A 126 35.97 11.28 -8.19
CA ILE A 126 36.68 10.14 -8.79
C ILE A 126 35.78 9.31 -9.71
N MET A 127 34.69 8.75 -9.17
CA MET A 127 33.71 8.01 -9.99
C MET A 127 33.24 8.78 -11.21
N ASP A 128 32.79 10.02 -11.01
CA ASP A 128 32.38 10.83 -12.14
C ASP A 128 33.45 10.85 -13.20
N LYS A 129 34.69 11.05 -12.77
CA LYS A 129 35.81 11.11 -13.70
C LYS A 129 35.87 9.84 -14.53
N HIS A 130 35.87 8.71 -13.83
CA HIS A 130 36.07 7.42 -14.47
C HIS A 130 34.95 7.12 -15.49
N LEU A 131 33.72 7.46 -15.12
CA LEU A 131 32.56 7.25 -15.95
C LEU A 131 32.61 8.12 -17.18
N LYS A 132 33.02 9.36 -17.04
CA LYS A 132 33.21 10.26 -18.21
C LYS A 132 34.19 9.66 -19.24
N ARG A 133 35.24 9.04 -18.72
CA ARG A 133 36.25 8.42 -19.55
C ARG A 133 35.62 7.23 -20.24
N LYS A 134 34.95 6.37 -19.47
CA LYS A 134 34.25 5.24 -20.05
C LYS A 134 33.31 5.71 -21.14
N ALA A 135 32.46 6.68 -20.81
CA ALA A 135 31.62 7.36 -21.81
C ALA A 135 32.36 7.72 -23.09
N MET A 136 33.40 8.57 -22.98
CA MET A 136 34.20 9.03 -24.14
C MET A 136 34.64 7.87 -25.01
N THR A 137 35.17 6.86 -24.35
CA THR A 137 35.67 5.65 -24.98
C THR A 137 34.61 4.90 -25.81
N LYS A 138 33.46 4.62 -25.22
CA LYS A 138 32.34 4.02 -25.98
C LYS A 138 31.85 4.95 -27.08
N LYS A 139 31.87 6.26 -26.85
CA LYS A 139 31.42 7.14 -27.90
C LYS A 139 32.39 7.15 -29.06
N LYS A 140 33.70 7.05 -28.81
CA LYS A 140 34.70 7.04 -29.91
C LYS A 140 34.53 5.80 -30.77
N GLU A 141 34.26 4.69 -30.09
CA GLU A 141 34.24 3.39 -30.70
C GLU A 141 33.04 3.27 -31.60
N LEU A 142 31.90 3.78 -31.16
CA LEU A 142 30.71 3.81 -32.00
C LEU A 142 30.92 4.66 -33.21
N THR A 143 31.54 5.83 -33.04
CA THR A 143 31.79 6.71 -34.18
C THR A 143 32.74 6.02 -35.15
N LEU A 144 33.75 5.33 -34.62
CA LEU A 144 34.70 4.58 -35.47
C LEU A 144 34.08 3.35 -36.14
N LEU A 145 32.95 2.87 -35.65
CA LEU A 145 32.21 1.83 -36.36
C LEU A 145 31.11 2.48 -37.18
N GLY A 146 31.25 3.79 -37.43
CA GLY A 146 30.28 4.56 -38.20
C GLY A 146 28.83 4.24 -37.89
N LYS A 147 28.45 4.32 -36.62
CA LYS A 147 27.10 4.03 -36.19
C LYS A 147 26.15 5.17 -36.58
N PRO A 148 25.09 4.84 -37.31
CA PRO A 148 24.13 5.79 -37.88
C PRO A 148 23.71 6.82 -36.84
N LYS A 149 23.60 8.08 -37.22
CA LYS A 149 23.12 9.12 -36.30
C LYS A 149 21.62 9.03 -36.12
N ARG A 150 21.16 9.49 -34.96
CA ARG A 150 19.74 9.41 -34.58
C ARG A 150 18.86 10.25 -35.47
N PRO A 151 17.56 9.90 -35.56
CA PRO A 151 16.64 10.69 -36.40
C PRO A 151 16.56 12.11 -35.90
N ARG A 152 16.67 13.05 -36.83
CA ARG A 152 16.61 14.48 -36.54
C ARG A 152 15.16 14.93 -36.54
N SER A 153 14.78 15.71 -35.54
CA SER A 153 13.39 16.09 -35.33
C SER A 153 12.90 17.04 -36.40
N ALA A 154 11.61 17.33 -36.41
CA ALA A 154 11.03 18.35 -37.28
C ALA A 154 11.77 19.65 -37.05
N TYR A 155 11.99 19.94 -35.77
CA TYR A 155 12.67 21.15 -35.30
C TYR A 155 14.17 21.15 -35.62
N ASN A 156 14.81 19.99 -35.49
CA ASN A 156 16.24 19.85 -35.79
C ASN A 156 16.58 20.30 -37.22
N VAL A 157 15.83 19.76 -38.19
CA VAL A 157 16.11 20.02 -39.62
C VAL A 157 15.85 21.49 -39.99
N TYR A 158 14.97 22.13 -39.22
CA TYR A 158 14.71 23.56 -39.37
C TYR A 158 15.90 24.39 -38.89
N VAL A 159 16.42 24.03 -37.71
CA VAL A 159 17.60 24.69 -37.13
C VAL A 159 18.85 24.53 -38.01
N ALA A 160 18.99 23.35 -38.62
CA ALA A 160 20.13 23.03 -39.49
C ALA A 160 20.16 23.84 -40.78
N GLU A 161 19.11 24.65 -41.00
CA GLU A 161 18.97 25.44 -42.22
C GLU A 161 18.79 26.94 -41.92
N ARG A 162 18.05 27.24 -40.87
CA ARG A 162 17.79 28.63 -40.48
C ARG A 162 18.69 29.09 -39.33
N PHE A 163 19.98 28.78 -39.41
CA PHE A 163 20.96 29.24 -38.42
C PHE A 163 21.98 30.21 -39.01
N GLN A 164 22.38 29.97 -40.26
CA GLN A 164 23.24 30.90 -41.01
C GLN A 164 22.59 32.28 -40.95
N GLU A 165 21.37 32.34 -41.48
CA GLU A 165 20.53 33.53 -41.42
C GLU A 165 19.85 33.63 -40.05
N ALA A 166 20.54 34.23 -39.08
CA ALA A 166 20.00 34.40 -37.73
C ALA A 166 20.73 35.48 -36.95
N LYS A 167 19.94 36.32 -36.29
CA LYS A 167 20.47 37.43 -35.49
C LYS A 167 20.95 37.00 -34.09
N GLY A 168 22.03 37.61 -33.63
CA GLY A 168 22.59 37.35 -32.30
C GLY A 168 24.10 37.33 -32.28
N ASP A 169 24.67 37.48 -31.08
CA ASP A 169 26.13 37.45 -30.86
C ASP A 169 26.68 36.02 -30.78
N SER A 170 26.50 35.39 -29.63
CA SER A 170 26.94 34.02 -29.37
C SER A 170 26.05 33.01 -30.10
N PRO A 171 26.23 31.70 -29.83
CA PRO A 171 25.23 30.77 -30.34
C PRO A 171 23.92 30.84 -29.55
N GLN A 172 24.00 31.16 -28.25
CA GLN A 172 22.82 31.37 -27.39
C GLN A 172 21.74 32.19 -28.08
N GLU A 173 22.16 33.36 -28.57
CA GLU A 173 21.26 34.33 -29.16
C GLU A 173 20.86 33.94 -30.57
N LYS A 174 21.84 33.54 -31.38
CA LYS A 174 21.59 33.03 -32.74
C LYS A 174 20.54 31.90 -32.75
N LEU A 175 20.25 31.36 -31.56
CA LEU A 175 19.28 30.28 -31.37
C LEU A 175 17.89 30.79 -30.99
N LYS A 176 17.83 31.59 -29.93
CA LYS A 176 16.56 32.13 -29.44
C LYS A 176 15.75 32.71 -30.59
N THR A 177 16.45 33.31 -31.56
CA THR A 177 15.85 33.84 -32.79
C THR A 177 15.10 32.75 -33.59
N VAL A 178 15.78 31.62 -33.84
CA VAL A 178 15.20 30.51 -34.61
C VAL A 178 14.07 29.84 -33.81
N LYS A 179 14.24 29.83 -32.50
CA LYS A 179 13.24 29.37 -31.55
C LYS A 179 11.93 30.15 -31.63
N GLU A 180 12.06 31.48 -31.71
CA GLU A 180 10.90 32.39 -31.78
C GLU A 180 10.07 32.11 -33.03
N ASN A 181 10.75 31.90 -34.16
CA ASN A 181 10.09 31.56 -35.42
C ASN A 181 9.36 30.23 -35.39
N TRP A 182 9.89 29.30 -34.59
CA TRP A 182 9.29 27.98 -34.45
C TRP A 182 7.86 28.07 -33.93
N LYS A 183 7.67 28.86 -32.88
CA LYS A 183 6.34 29.11 -32.31
C LYS A 183 5.43 29.85 -33.31
N ASN A 184 6.03 30.75 -34.09
CA ASN A 184 5.30 31.60 -35.04
C ASN A 184 4.93 30.95 -36.38
N LEU A 185 5.50 29.77 -36.67
CA LEU A 185 5.15 29.04 -37.89
C LEU A 185 3.85 28.26 -37.73
N SER A 186 3.24 27.92 -38.86
CA SER A 186 1.98 27.20 -38.89
C SER A 186 2.12 25.93 -39.71
N ASP A 187 1.07 25.11 -39.70
CA ASP A 187 1.02 23.81 -40.39
C ASP A 187 1.59 23.83 -41.81
N SER A 188 1.08 24.73 -42.64
CA SER A 188 1.48 24.86 -44.05
C SER A 188 2.96 25.20 -44.23
N GLU A 189 3.52 25.97 -43.30
CA GLU A 189 4.91 26.40 -43.38
C GLU A 189 5.88 25.40 -42.73
N LYS A 190 5.32 24.33 -42.17
CA LYS A 190 6.10 23.28 -41.49
C LYS A 190 6.09 21.95 -42.24
N GLU A 191 5.51 21.92 -43.44
CA GLU A 191 5.40 20.69 -44.23
C GLU A 191 6.75 20.11 -44.66
N LEU A 192 7.47 20.81 -45.55
CA LEU A 192 8.74 20.33 -46.12
C LEU A 192 9.84 20.04 -45.07
N TYR A 193 9.59 20.43 -43.81
CA TYR A 193 10.47 20.04 -42.69
C TYR A 193 9.98 18.75 -42.07
N ILE A 194 8.72 18.74 -41.61
CA ILE A 194 8.10 17.55 -41.03
C ILE A 194 8.03 16.42 -42.07
N GLN A 195 8.13 16.78 -43.35
CA GLN A 195 8.28 15.78 -44.41
C GLN A 195 9.67 15.16 -44.34
N HIS A 196 10.70 16.00 -44.25
CA HIS A 196 12.07 15.51 -44.18
C HIS A 196 12.37 14.79 -42.87
N ALA A 197 11.68 15.17 -41.80
CA ALA A 197 11.72 14.42 -40.55
C ALA A 197 11.25 12.99 -40.79
N LYS A 198 10.06 12.85 -41.39
CA LYS A 198 9.46 11.55 -41.73
C LYS A 198 10.33 10.74 -42.69
N GLU A 199 11.05 11.44 -43.56
CA GLU A 199 12.01 10.81 -44.45
C GLU A 199 13.24 10.34 -43.69
N ASP A 200 13.81 11.22 -42.87
CA ASP A 200 14.99 10.89 -42.06
C ASP A 200 14.71 9.76 -41.10
N GLU A 201 13.45 9.70 -40.63
CA GLU A 201 12.96 8.58 -39.85
C GLU A 201 13.08 7.26 -40.59
N THR A 202 12.90 7.28 -41.91
CA THR A 202 13.06 6.07 -42.72
C THR A 202 14.54 5.84 -43.09
N ARG A 203 15.32 6.93 -43.10
CA ARG A 203 16.77 6.85 -43.31
C ARG A 203 17.39 6.15 -42.11
N TYR A 204 17.03 6.64 -40.93
CA TYR A 204 17.42 6.02 -39.67
C TYR A 204 17.08 4.53 -39.65
N HIS A 205 15.82 4.18 -39.93
CA HIS A 205 15.40 2.77 -39.92
C HIS A 205 16.29 1.92 -40.81
N ASN A 206 16.50 2.35 -42.05
CA ASN A 206 17.35 1.61 -42.99
C ASN A 206 18.79 1.52 -42.54
N GLU A 207 19.39 2.68 -42.25
CA GLU A 207 20.79 2.77 -41.84
C GLU A 207 21.08 1.93 -40.58
N MET A 208 20.20 2.05 -39.58
CA MET A 208 20.24 1.21 -38.37
C MET A 208 20.23 -0.28 -38.65
N LYS A 209 19.42 -0.70 -39.64
CA LYS A 209 19.35 -2.11 -40.04
C LYS A 209 20.65 -2.58 -40.72
N SER A 210 21.14 -1.80 -41.69
CA SER A 210 22.42 -2.12 -42.33
C SER A 210 23.51 -2.25 -41.28
N TRP A 211 23.53 -1.29 -40.35
CA TRP A 211 24.56 -1.23 -39.34
C TRP A 211 24.46 -2.36 -38.34
N GLU A 212 23.24 -2.74 -37.96
CA GLU A 212 23.12 -3.81 -36.99
C GLU A 212 23.47 -5.18 -37.57
N GLU A 213 23.20 -5.38 -38.86
CA GLU A 213 23.64 -6.60 -39.57
C GLU A 213 25.15 -6.59 -39.63
N GLN A 214 25.70 -5.48 -40.14
CA GLN A 214 27.14 -5.29 -40.18
C GLN A 214 27.78 -5.74 -38.86
N MET A 215 27.22 -5.28 -37.74
CA MET A 215 27.73 -5.57 -36.40
C MET A 215 27.65 -7.04 -36.02
N ILE A 216 26.52 -7.68 -36.31
CA ILE A 216 26.32 -9.10 -36.07
C ILE A 216 27.42 -9.88 -36.75
N GLU A 217 27.71 -9.47 -37.98
CA GLU A 217 28.78 -10.05 -38.75
C GLU A 217 30.12 -9.85 -38.06
N VAL A 218 30.35 -8.63 -37.55
CA VAL A 218 31.65 -8.30 -36.93
C VAL A 218 31.76 -8.81 -35.46
N GLY A 219 30.79 -9.60 -35.04
CA GLY A 219 30.90 -10.36 -33.78
C GLY A 219 30.43 -9.60 -32.57
N ARG A 220 29.53 -8.64 -32.79
CA ARG A 220 29.16 -7.68 -31.75
C ARG A 220 27.64 -7.49 -31.61
N LYS A 221 26.95 -8.57 -31.23
CA LYS A 221 25.51 -8.55 -30.96
C LYS A 221 25.16 -7.59 -29.82
N ASP A 222 26.19 -7.21 -29.06
CA ASP A 222 26.03 -6.41 -27.84
C ASP A 222 25.67 -4.96 -28.14
N LEU A 223 26.00 -4.47 -29.33
CA LEU A 223 25.65 -3.09 -29.72
C LEU A 223 24.30 -3.00 -30.40
N LEU A 224 23.50 -4.05 -30.27
CA LEU A 224 22.14 -4.06 -30.81
C LEU A 224 21.09 -3.58 -29.81
N ARG A 225 20.18 -2.74 -30.30
CA ARG A 225 19.00 -2.33 -29.51
C ARG A 225 18.28 -3.50 -28.82
N ARG A 226 17.60 -3.21 -27.71
CA ARG A 226 16.89 -4.23 -26.90
C ARG A 226 17.83 -5.13 -26.06
N SER B 37 17.18 4.41 6.58
CA SER B 37 17.38 4.96 7.97
C SER B 37 16.55 6.26 8.14
N VAL B 38 16.79 7.23 7.29
CA VAL B 38 16.14 8.53 7.32
C VAL B 38 15.77 8.67 5.87
N LEU B 39 16.56 7.96 5.05
CA LEU B 39 16.41 7.92 3.60
C LEU B 39 15.48 6.78 3.31
N ALA B 40 15.42 5.82 4.23
CA ALA B 40 14.36 4.79 4.14
C ALA B 40 12.99 5.45 4.00
N SER B 41 12.82 6.60 4.63
CA SER B 41 11.55 7.30 4.56
C SER B 41 11.40 8.17 3.29
N CYS B 42 12.23 8.00 2.28
CA CYS B 42 12.06 8.79 1.10
C CYS B 42 10.73 8.36 0.38
N PRO B 43 9.93 9.38 -0.06
CA PRO B 43 8.65 9.13 -0.68
C PRO B 43 8.84 8.43 -2.01
N LYS B 44 7.92 7.50 -2.32
CA LYS B 44 8.11 6.56 -3.43
C LYS B 44 7.37 7.06 -4.62
N LYS B 45 7.75 6.60 -5.81
CA LYS B 45 7.12 7.14 -7.02
C LYS B 45 5.88 6.32 -7.20
N PRO B 46 4.77 6.94 -7.59
CA PRO B 46 3.56 6.19 -7.94
C PRO B 46 3.75 5.27 -9.16
N VAL B 47 3.13 4.10 -9.16
CA VAL B 47 3.20 3.26 -10.34
C VAL B 47 2.17 3.71 -11.35
N SER B 48 2.32 3.22 -12.59
CA SER B 48 1.54 3.68 -13.73
C SER B 48 0.20 2.97 -13.80
N SER B 49 -0.71 3.54 -14.62
CA SER B 49 -2.05 3.00 -14.77
C SER B 49 -2.14 1.49 -14.92
N TYR B 50 -1.46 0.94 -15.93
CA TYR B 50 -1.54 -0.51 -16.05
C TYR B 50 -1.07 -1.21 -14.75
N LEU B 51 -0.02 -0.69 -14.11
CA LEU B 51 0.35 -1.31 -12.87
C LEU B 51 -0.75 -1.26 -11.82
N ARG B 52 -1.51 -0.17 -11.78
CA ARG B 52 -2.51 -0.01 -10.72
C ARG B 52 -3.50 -1.09 -10.95
N PHE B 53 -4.11 -0.99 -12.12
CA PHE B 53 -5.08 -1.94 -12.59
C PHE B 53 -4.61 -3.31 -12.21
N SER B 54 -3.43 -3.71 -12.64
CA SER B 54 -3.06 -5.09 -12.34
C SER B 54 -3.07 -5.40 -10.84
N LYS B 55 -2.58 -4.47 -10.03
CA LYS B 55 -2.33 -4.68 -8.60
C LYS B 55 -3.64 -5.02 -7.91
N GLU B 56 -4.71 -4.45 -8.48
CA GLU B 56 -6.01 -4.50 -7.85
C GLU B 56 -6.69 -5.79 -8.28
N GLN B 57 -6.35 -6.20 -9.51
CA GLN B 57 -7.06 -7.24 -10.27
C GLN B 57 -6.54 -8.57 -9.88
N LEU B 58 -5.23 -8.64 -9.73
CA LEU B 58 -4.62 -9.84 -9.23
C LEU B 58 -5.46 -10.44 -8.09
N PRO B 59 -5.76 -9.67 -7.01
CA PRO B 59 -6.54 -10.26 -5.91
C PRO B 59 -7.85 -10.92 -6.36
N ILE B 60 -8.64 -10.19 -7.16
CA ILE B 60 -9.94 -10.66 -7.65
C ILE B 60 -9.66 -11.99 -8.38
N PHE B 61 -8.83 -11.92 -9.41
CA PHE B 61 -8.45 -13.07 -10.22
C PHE B 61 -7.99 -14.28 -9.41
N LYS B 62 -7.03 -14.09 -8.52
CA LYS B 62 -6.55 -15.23 -7.75
C LYS B 62 -7.70 -15.90 -6.96
N ALA B 63 -8.69 -15.11 -6.56
CA ALA B 63 -9.82 -15.65 -5.80
C ALA B 63 -10.79 -16.46 -6.70
N GLN B 64 -10.90 -16.07 -7.96
CA GLN B 64 -11.73 -16.77 -8.87
C GLN B 64 -11.02 -17.98 -9.50
N ASN B 65 -9.73 -18.17 -9.19
CA ASN B 65 -8.90 -19.12 -9.93
C ASN B 65 -7.78 -19.70 -9.08
N PRO B 66 -8.12 -20.29 -7.91
CA PRO B 66 -7.07 -20.68 -6.94
C PRO B 66 -5.94 -21.55 -7.50
N ASP B 67 -6.28 -22.43 -8.45
CA ASP B 67 -5.33 -23.33 -9.10
C ASP B 67 -4.87 -22.73 -10.41
N ALA B 68 -3.92 -21.81 -10.29
CA ALA B 68 -3.38 -21.06 -11.40
C ALA B 68 -2.08 -20.40 -10.94
N LYS B 69 -1.17 -20.20 -11.87
CA LYS B 69 0.06 -19.49 -11.58
C LYS B 69 -0.20 -18.00 -11.73
N THR B 70 0.51 -17.21 -10.94
CA THR B 70 0.52 -15.76 -11.04
C THR B 70 0.74 -15.28 -12.48
N THR B 71 1.82 -15.80 -13.08
CA THR B 71 2.23 -15.48 -14.44
C THR B 71 1.07 -15.57 -15.42
N GLU B 72 0.28 -16.61 -15.24
CA GLU B 72 -0.90 -16.85 -16.07
C GLU B 72 -1.91 -15.72 -15.85
N LEU B 73 -2.22 -15.49 -14.57
CA LEU B 73 -3.23 -14.55 -14.16
C LEU B 73 -2.88 -13.16 -14.68
N ILE B 74 -1.62 -12.80 -14.45
CA ILE B 74 -1.03 -11.60 -15.03
C ILE B 74 -1.25 -11.46 -16.55
N ARG B 75 -0.89 -12.53 -17.31
CA ARG B 75 -1.17 -12.56 -18.76
C ARG B 75 -2.65 -12.27 -19.03
N ARG B 76 -3.51 -13.00 -18.33
CA ARG B 76 -4.94 -12.77 -18.38
C ARG B 76 -5.29 -11.30 -18.15
N ILE B 77 -4.76 -10.73 -17.05
CA ILE B 77 -5.06 -9.35 -16.65
C ILE B 77 -4.62 -8.32 -17.70
N ALA B 78 -3.43 -8.55 -18.25
CA ALA B 78 -2.89 -7.71 -19.29
C ALA B 78 -3.81 -7.66 -20.50
N GLN B 79 -4.38 -8.82 -20.83
CA GLN B 79 -5.36 -8.91 -21.89
C GLN B 79 -6.57 -8.03 -21.54
N ARG B 80 -7.07 -8.18 -20.32
CA ARG B 80 -8.16 -7.35 -19.85
C ARG B 80 -7.81 -5.90 -20.08
N TRP B 81 -6.55 -5.57 -19.79
CA TRP B 81 -6.11 -4.20 -19.93
C TRP B 81 -6.21 -3.73 -21.39
N ARG B 82 -5.68 -4.54 -22.29
CA ARG B 82 -5.73 -4.29 -23.72
C ARG B 82 -7.17 -4.06 -24.20
N GLU B 83 -8.06 -4.94 -23.76
CA GLU B 83 -9.49 -4.86 -24.07
C GLU B 83 -10.20 -3.61 -23.53
N LEU B 84 -9.85 -3.18 -22.32
CA LEU B 84 -10.50 -2.04 -21.69
C LEU B 84 -10.60 -0.81 -22.63
N PRO B 85 -11.81 -0.27 -22.79
CA PRO B 85 -11.97 0.97 -23.59
C PRO B 85 -11.10 2.13 -23.09
N ASP B 86 -10.69 3.00 -24.01
CA ASP B 86 -9.84 4.14 -23.65
C ASP B 86 -10.43 5.06 -22.60
N SER B 87 -11.70 5.38 -22.76
CA SER B 87 -12.45 6.20 -21.80
C SER B 87 -12.36 5.63 -20.38
N LYS B 88 -12.32 4.31 -20.25
CA LYS B 88 -12.06 3.67 -18.98
C LYS B 88 -10.58 3.79 -18.53
N LYS B 89 -9.64 3.40 -19.39
CA LYS B 89 -8.22 3.57 -19.11
C LYS B 89 -8.00 4.96 -18.59
N LYS B 90 -8.45 5.95 -19.35
CA LYS B 90 -8.34 7.36 -18.99
C LYS B 90 -8.62 7.65 -17.51
N ILE B 91 -9.42 6.80 -16.88
CA ILE B 91 -9.69 6.99 -15.47
C ILE B 91 -8.38 6.76 -14.74
N TYR B 92 -7.74 5.59 -14.95
CA TYR B 92 -6.49 5.23 -14.24
C TYR B 92 -5.39 6.22 -14.59
N GLN B 93 -5.34 6.57 -15.87
CA GLN B 93 -4.45 7.58 -16.36
C GLN B 93 -4.51 8.83 -15.51
N ASP B 94 -5.70 9.41 -15.33
CA ASP B 94 -5.79 10.68 -14.58
C ASP B 94 -5.31 10.43 -13.16
N ALA B 95 -5.68 9.30 -12.61
CA ALA B 95 -5.28 8.94 -11.26
C ALA B 95 -3.81 9.10 -11.16
N TYR B 96 -3.11 8.42 -12.06
CA TYR B 96 -1.67 8.45 -12.14
C TYR B 96 -1.12 9.88 -12.26
N ARG B 97 -1.61 10.66 -13.22
CA ARG B 97 -1.04 11.95 -13.43
C ARG B 97 -1.14 12.77 -12.14
N ALA B 98 -2.31 12.76 -11.50
CA ALA B 98 -2.48 13.50 -10.25
C ALA B 98 -1.57 12.94 -9.14
N GLU B 99 -1.40 11.63 -9.14
CA GLU B 99 -0.52 11.01 -8.19
C GLU B 99 0.93 11.41 -8.42
N TRP B 100 1.29 11.68 -9.67
CA TRP B 100 2.67 12.14 -9.99
C TRP B 100 2.89 13.54 -9.46
N GLN B 101 1.88 14.39 -9.59
CA GLN B 101 1.99 15.76 -9.08
C GLN B 101 2.25 15.75 -7.59
N VAL B 102 1.61 14.83 -6.88
CA VAL B 102 1.87 14.71 -5.46
C VAL B 102 3.32 14.31 -5.27
N TYR B 103 3.83 13.40 -6.09
CA TYR B 103 5.20 12.96 -5.90
C TYR B 103 6.20 14.10 -6.11
N LYS B 104 5.96 14.90 -7.16
CA LYS B 104 6.77 16.07 -7.39
C LYS B 104 6.89 16.90 -6.11
N GLU B 105 5.75 17.32 -5.58
CA GLU B 105 5.71 18.13 -4.38
C GLU B 105 6.35 17.38 -3.24
N GLU B 106 5.96 16.12 -3.04
CA GLU B 106 6.52 15.35 -1.95
C GLU B 106 8.04 15.34 -1.98
N ILE B 107 8.64 14.91 -3.08
CA ILE B 107 10.11 14.70 -3.13
C ILE B 107 10.86 15.99 -2.82
N SER B 108 10.41 17.09 -3.40
CA SER B 108 11.09 18.34 -3.21
C SER B 108 10.91 18.82 -1.78
N ARG B 109 9.73 18.69 -1.21
CA ARG B 109 9.65 19.00 0.23
C ARG B 109 10.62 18.12 1.00
N PHE B 110 10.80 16.89 0.54
CA PHE B 110 11.64 15.95 1.23
C PHE B 110 13.09 16.45 1.26
N LYS B 111 13.50 17.06 0.15
CA LYS B 111 14.88 17.29 -0.06
C LYS B 111 15.28 18.47 0.75
N GLU B 112 14.39 19.46 0.84
CA GLU B 112 14.65 20.60 1.73
C GLU B 112 15.01 20.19 3.16
N GLN B 113 14.23 19.34 3.75
CA GLN B 113 14.48 18.99 5.13
C GLN B 113 15.77 18.15 5.33
N LEU B 114 16.57 17.98 4.28
CA LEU B 114 17.82 17.22 4.36
C LEU B 114 19.03 18.09 4.22
N THR B 115 20.09 17.67 4.89
CA THR B 115 21.37 18.37 4.82
C THR B 115 22.07 18.03 3.52
N PRO B 116 23.06 18.85 3.11
CA PRO B 116 23.72 18.51 1.84
C PRO B 116 24.40 17.13 1.83
N SER B 117 25.01 16.73 2.93
CA SER B 117 25.68 15.43 2.91
C SER B 117 24.61 14.38 2.78
N GLN B 118 23.52 14.53 3.50
CA GLN B 118 22.33 13.66 3.25
C GLN B 118 21.85 13.59 1.76
N ILE B 119 21.62 14.77 1.14
CA ILE B 119 21.21 14.84 -0.23
C ILE B 119 22.12 14.00 -1.09
N MET B 120 23.42 14.13 -0.87
CA MET B 120 24.42 13.31 -1.51
C MET B 120 24.36 11.81 -1.15
N SER B 121 24.23 11.46 0.13
CA SER B 121 24.20 10.04 0.43
C SER B 121 22.96 9.32 -0.18
N LEU B 122 21.88 10.07 -0.35
CA LEU B 122 20.71 9.61 -1.08
C LEU B 122 21.08 9.25 -2.50
N GLU B 123 21.57 10.23 -3.24
CA GLU B 123 21.89 10.02 -4.65
C GLU B 123 22.88 8.85 -4.81
N LYS B 124 23.83 8.73 -3.89
CA LYS B 124 24.69 7.56 -3.93
C LYS B 124 23.93 6.24 -3.67
N GLU B 125 22.98 6.24 -2.73
CA GLU B 125 22.20 5.03 -2.45
C GLU B 125 21.48 4.55 -3.72
N ILE B 126 20.95 5.47 -4.50
CA ILE B 126 20.36 5.17 -5.78
C ILE B 126 21.41 4.58 -6.75
N MET B 127 22.55 5.25 -6.97
CA MET B 127 23.57 4.72 -7.89
C MET B 127 24.00 3.34 -7.44
N ASP B 128 24.38 3.24 -6.17
CA ASP B 128 24.85 1.95 -5.69
C ASP B 128 23.85 0.88 -6.01
N LYS B 129 22.58 1.18 -5.79
CA LYS B 129 21.49 0.23 -6.04
C LYS B 129 21.50 -0.21 -7.50
N HIS B 130 21.63 0.76 -8.41
CA HIS B 130 21.48 0.49 -9.82
C HIS B 130 22.65 -0.37 -10.28
N LEU B 131 23.82 -0.08 -9.73
CA LEU B 131 25.04 -0.76 -10.12
C LEU B 131 25.02 -2.19 -9.63
N LYS B 132 24.52 -2.40 -8.42
CA LYS B 132 24.43 -3.76 -7.88
C LYS B 132 23.53 -4.64 -8.77
N ARG B 133 22.49 -4.02 -9.33
CA ARG B 133 21.55 -4.73 -10.17
C ARG B 133 22.27 -5.02 -11.45
N LYS B 134 22.93 -4.02 -12.03
CA LYS B 134 23.73 -4.26 -13.24
C LYS B 134 24.71 -5.41 -13.01
N ALA B 135 25.47 -5.34 -11.93
CA ALA B 135 26.34 -6.43 -11.49
C ALA B 135 25.68 -7.79 -11.53
N MET B 136 24.54 -7.94 -10.82
CA MET B 136 23.82 -9.23 -10.65
C MET B 136 23.48 -9.77 -12.03
N THR B 137 22.95 -8.87 -12.85
CA THR B 137 22.56 -9.16 -14.20
C THR B 137 23.68 -9.74 -15.06
N LYS B 138 24.81 -9.05 -15.17
CA LYS B 138 26.02 -9.62 -15.84
C LYS B 138 26.51 -10.88 -15.16
N LYS B 139 26.43 -10.96 -13.84
CA LYS B 139 26.87 -12.19 -13.24
C LYS B 139 25.98 -13.37 -13.61
N LYS B 140 24.68 -13.15 -13.80
CA LYS B 140 23.75 -14.26 -14.10
C LYS B 140 24.02 -14.76 -15.51
N GLU B 141 24.37 -13.82 -16.37
CA GLU B 141 24.42 -14.07 -17.79
C GLU B 141 25.67 -14.86 -18.07
N LEU B 142 26.74 -14.55 -17.36
CA LEU B 142 27.98 -15.27 -17.51
C LEU B 142 27.79 -16.67 -17.02
N THR B 143 27.13 -16.82 -15.87
CA THR B 143 26.91 -18.18 -15.35
C THR B 143 26.02 -18.99 -16.32
N LEU B 144 25.05 -18.31 -16.94
CA LEU B 144 24.19 -18.98 -17.89
C LEU B 144 24.90 -19.32 -19.19
N LEU B 145 26.02 -18.67 -19.47
CA LEU B 145 26.79 -19.06 -20.63
C LEU B 145 27.92 -19.97 -20.13
N GLY B 146 27.74 -20.52 -18.94
CA GLY B 146 28.73 -21.44 -18.36
C GLY B 146 30.17 -20.98 -18.49
N LYS B 147 30.45 -19.74 -18.05
CA LYS B 147 31.79 -19.20 -18.16
C LYS B 147 32.68 -19.89 -17.12
N PRO B 148 33.79 -20.48 -17.58
CA PRO B 148 34.75 -21.22 -16.74
C PRO B 148 35.13 -20.46 -15.48
N LYS B 149 35.17 -21.14 -14.33
CA LYS B 149 35.57 -20.51 -13.07
C LYS B 149 37.05 -20.22 -13.05
N ARG B 150 37.43 -19.19 -12.30
CA ARG B 150 38.83 -18.77 -12.18
C ARG B 150 39.71 -19.84 -11.54
N PRO B 151 41.03 -19.80 -11.83
CA PRO B 151 41.96 -20.75 -11.22
C PRO B 151 41.98 -20.62 -9.71
N ARG B 152 41.85 -21.77 -9.05
CA ARG B 152 41.85 -21.85 -7.59
C ARG B 152 43.29 -21.89 -7.08
N SER B 153 43.57 -21.09 -6.05
CA SER B 153 44.93 -20.94 -5.51
C SER B 153 45.41 -22.21 -4.84
N ALA B 154 46.70 -22.25 -4.51
CA ALA B 154 47.26 -23.32 -3.70
C ALA B 154 46.43 -23.47 -2.43
N TYR B 155 46.12 -22.33 -1.83
CA TYR B 155 45.39 -22.21 -0.58
C TYR B 155 43.91 -22.57 -0.75
N ASN B 156 43.32 -22.16 -1.87
CA ASN B 156 41.91 -22.48 -2.16
C ASN B 156 41.62 -23.99 -2.13
N VAL B 157 42.47 -24.76 -2.82
CA VAL B 157 42.28 -26.22 -2.97
C VAL B 157 42.49 -26.95 -1.64
N TYR B 158 43.28 -26.34 -0.77
CA TYR B 158 43.48 -26.84 0.59
C TYR B 158 42.21 -26.65 1.43
N VAL B 159 41.65 -25.45 1.37
CA VAL B 159 40.41 -25.11 2.09
C VAL B 159 39.25 -25.98 1.63
N ALA B 160 39.20 -26.26 0.33
CA ALA B 160 38.12 -27.05 -0.27
C ALA B 160 38.11 -28.51 0.19
N GLU B 161 39.13 -28.88 0.97
CA GLU B 161 39.29 -30.26 1.42
C GLU B 161 39.36 -30.35 2.95
N ARG B 162 40.05 -29.40 3.57
CA ARG B 162 40.21 -29.38 5.02
C ARG B 162 39.24 -28.43 5.71
N PHE B 163 37.96 -28.48 5.30
CA PHE B 163 36.93 -27.67 5.95
C PHE B 163 35.89 -28.53 6.67
N GLN B 164 35.57 -29.69 6.08
CA GLN B 164 34.72 -30.68 6.73
C GLN B 164 35.31 -30.97 8.11
N GLU B 165 36.55 -31.44 8.11
CA GLU B 165 37.33 -31.65 9.34
C GLU B 165 37.93 -30.33 9.82
N ALA B 166 37.16 -29.58 10.61
CA ALA B 166 37.61 -28.29 11.15
C ALA B 166 36.78 -27.85 12.35
N LYS B 167 37.49 -27.39 13.39
CA LYS B 167 36.85 -26.94 14.64
C LYS B 167 36.33 -25.51 14.54
N GLY B 168 35.16 -25.27 15.16
CA GLY B 168 34.57 -23.94 15.23
C GLY B 168 33.05 -23.97 15.13
N ASP B 169 32.42 -22.88 15.55
CA ASP B 169 30.96 -22.73 15.51
C ASP B 169 30.46 -22.32 14.13
N SER B 170 30.65 -21.04 13.81
CA SER B 170 30.25 -20.44 12.54
C SER B 170 31.24 -20.85 11.43
N PRO B 171 31.08 -20.27 10.22
CA PRO B 171 32.15 -20.47 9.24
C PRO B 171 33.40 -19.66 9.60
N GLN B 172 33.22 -18.49 10.24
CA GLN B 172 34.33 -17.66 10.72
C GLN B 172 35.40 -18.49 11.41
N GLU B 173 34.96 -19.28 12.37
CA GLU B 173 35.85 -20.07 13.21
C GLU B 173 36.36 -21.32 12.49
N LYS B 174 35.45 -22.03 11.83
CA LYS B 174 35.81 -23.19 11.01
C LYS B 174 36.91 -22.87 10.00
N LEU B 175 37.14 -21.57 9.78
CA LEU B 175 38.16 -21.08 8.84
C LEU B 175 39.49 -20.78 9.52
N LYS B 176 39.45 -19.97 10.58
CA LYS B 176 40.66 -19.58 11.31
C LYS B 176 41.51 -20.80 11.61
N THR B 177 40.84 -21.92 11.89
CA THR B 177 41.48 -23.21 12.13
C THR B 177 42.33 -23.66 10.92
N VAL B 178 41.73 -23.64 9.73
CA VAL B 178 42.39 -24.06 8.49
C VAL B 178 43.50 -23.09 8.13
N LYS B 179 43.26 -21.81 8.43
CA LYS B 179 44.22 -20.73 8.27
C LYS B 179 45.49 -20.97 9.10
N GLU B 180 45.31 -21.40 10.36
CA GLU B 180 46.43 -21.66 11.27
C GLU B 180 47.35 -22.75 10.74
N ASN B 181 46.74 -23.81 10.19
CA ASN B 181 47.49 -24.91 9.58
C ASN B 181 48.27 -24.50 8.35
N TRP B 182 47.74 -23.51 7.63
CA TRP B 182 48.39 -23.01 6.42
C TRP B 182 49.79 -22.47 6.72
N LYS B 183 49.88 -21.65 7.78
CA LYS B 183 51.15 -21.11 8.25
C LYS B 183 52.09 -22.22 8.76
N ASN B 184 51.50 -23.23 9.39
CA ASN B 184 52.24 -24.33 10.01
C ASN B 184 52.71 -25.44 9.06
N LEU B 185 52.23 -25.43 7.82
CA LEU B 185 52.68 -26.41 6.81
C LEU B 185 53.99 -25.99 6.17
N SER B 186 54.68 -26.97 5.59
CA SER B 186 55.97 -26.76 4.96
C SER B 186 55.92 -27.21 3.51
N ASP B 187 57.00 -26.94 2.79
CA ASP B 187 57.16 -27.27 1.37
C ASP B 187 56.67 -28.67 0.98
N SER B 188 57.19 -29.70 1.68
CA SER B 188 56.85 -31.10 1.41
C SER B 188 55.37 -31.43 1.61
N GLU B 189 54.74 -30.76 2.55
CA GLU B 189 53.34 -31.01 2.87
C GLU B 189 52.38 -30.17 2.02
N LYS B 190 52.96 -29.32 1.16
CA LYS B 190 52.21 -28.43 0.28
C LYS B 190 52.31 -28.80 -1.21
N GLU B 191 52.95 -29.93 -1.50
CA GLU B 191 53.16 -30.37 -2.89
C GLU B 191 51.87 -30.69 -3.64
N LEU B 192 51.18 -31.77 -3.24
CA LEU B 192 49.97 -32.25 -3.92
C LEU B 192 48.82 -31.22 -3.98
N TYR B 193 48.98 -30.09 -3.27
CA TYR B 193 48.08 -28.96 -3.41
C TYR B 193 48.59 -28.01 -4.49
N ILE B 194 49.82 -27.51 -4.29
CA ILE B 194 50.44 -26.59 -5.25
C ILE B 194 50.60 -27.29 -6.61
N GLN B 195 50.57 -28.62 -6.60
CA GLN B 195 50.52 -29.40 -7.83
C GLN B 195 49.16 -29.23 -8.51
N HIS B 196 48.10 -29.42 -7.73
CA HIS B 196 46.74 -29.28 -8.27
C HIS B 196 46.38 -27.83 -8.65
N ALA B 197 47.00 -26.87 -7.97
CA ALA B 197 46.96 -25.46 -8.38
C ALA B 197 47.53 -25.29 -9.79
N LYS B 198 48.74 -25.80 -9.99
CA LYS B 198 49.40 -25.75 -11.30
C LYS B 198 48.62 -26.50 -12.38
N GLU B 199 47.92 -27.56 -11.98
CA GLU B 199 47.03 -28.30 -12.87
C GLU B 199 45.78 -27.49 -13.20
N ASP B 200 45.10 -27.00 -12.16
CA ASP B 200 43.90 -26.18 -12.35
C ASP B 200 44.22 -24.96 -13.18
N GLU B 201 45.46 -24.49 -13.07
CA GLU B 201 45.96 -23.38 -13.86
C GLU B 201 45.93 -23.72 -15.35
N THR B 202 46.13 -25.00 -15.67
CA THR B 202 46.08 -25.45 -17.08
C THR B 202 44.64 -25.81 -17.47
N ARG B 203 43.83 -26.17 -16.48
CA ARG B 203 42.40 -26.40 -16.70
C ARG B 203 41.75 -25.08 -17.10
N TYR B 204 42.01 -24.04 -16.30
CA TYR B 204 41.57 -22.68 -16.59
C TYR B 204 41.98 -22.25 -17.98
N HIS B 205 43.26 -22.39 -18.32
CA HIS B 205 43.74 -21.99 -19.65
C HIS B 205 42.92 -22.66 -20.75
N ASN B 206 42.77 -23.98 -20.66
CA ASN B 206 42.02 -24.75 -21.66
C ASN B 206 40.53 -24.38 -21.75
N GLU B 207 39.85 -24.48 -20.61
CA GLU B 207 38.43 -24.10 -20.51
C GLU B 207 38.17 -22.67 -21.03
N MET B 208 38.96 -21.70 -20.58
CA MET B 208 38.90 -20.33 -21.07
C MET B 208 38.99 -20.21 -22.59
N LYS B 209 39.81 -21.07 -23.20
CA LYS B 209 40.00 -20.99 -24.65
C LYS B 209 38.79 -21.56 -25.33
N SER B 210 38.31 -22.72 -24.87
CA SER B 210 37.07 -23.33 -25.40
C SER B 210 35.95 -22.30 -25.32
N TRP B 211 35.79 -21.70 -24.14
CA TRP B 211 34.71 -20.77 -23.90
C TRP B 211 34.82 -19.50 -24.72
N GLU B 212 36.03 -19.01 -24.95
CA GLU B 212 36.15 -17.78 -25.71
C GLU B 212 35.88 -18.05 -27.20
N GLU B 213 36.18 -19.26 -27.67
CA GLU B 213 35.90 -19.60 -29.08
C GLU B 213 34.43 -19.72 -29.20
N GLN B 214 33.87 -20.50 -28.29
CA GLN B 214 32.43 -20.66 -28.19
C GLN B 214 31.73 -19.30 -28.33
N MET B 215 32.16 -18.31 -27.54
CA MET B 215 31.59 -16.96 -27.55
C MET B 215 31.71 -16.22 -28.88
N ILE B 216 32.89 -16.35 -29.51
CA ILE B 216 33.15 -15.67 -30.75
C ILE B 216 32.12 -16.15 -31.72
N GLU B 217 31.88 -17.45 -31.64
CA GLU B 217 30.89 -18.10 -32.48
C GLU B 217 29.50 -17.57 -32.21
N VAL B 218 29.16 -17.41 -30.94
CA VAL B 218 27.83 -16.95 -30.55
C VAL B 218 27.66 -15.42 -30.67
N GLY B 219 28.65 -14.74 -31.27
CA GLY B 219 28.50 -13.33 -31.64
C GLY B 219 28.85 -12.35 -30.53
N ARG B 220 29.73 -12.79 -29.62
CA ARG B 220 30.02 -12.02 -28.42
C ARG B 220 31.52 -11.83 -28.12
N LYS B 221 32.21 -11.17 -29.04
CA LYS B 221 33.63 -10.81 -28.88
C LYS B 221 33.86 -9.95 -27.62
N ASP B 222 32.78 -9.35 -27.13
CA ASP B 222 32.84 -8.41 -26.03
C ASP B 222 33.13 -9.06 -24.68
N LEU B 223 32.87 -10.35 -24.53
CA LEU B 223 33.19 -11.05 -23.27
C LEU B 223 34.61 -11.62 -23.25
N LEU B 224 35.44 -11.19 -24.21
CA LEU B 224 36.78 -11.69 -24.29
C LEU B 224 37.74 -10.83 -23.50
N ARG B 225 38.70 -11.48 -22.81
CA ARG B 225 39.77 -10.79 -22.12
C ARG B 225 40.47 -9.75 -23.02
N ARG B 226 41.11 -8.73 -22.42
CA ARG B 226 41.83 -7.65 -23.14
C ARG B 226 40.91 -6.63 -23.81
N SER G 37 -43.41 -12.93 -1.60
CA SER G 37 -43.46 -13.39 -3.02
C SER G 37 -43.39 -14.94 -3.12
N VAL G 38 -42.41 -15.53 -2.43
CA VAL G 38 -42.13 -16.97 -2.39
C VAL G 38 -41.77 -17.14 -0.94
N LEU G 39 -41.29 -16.04 -0.37
CA LEU G 39 -40.95 -15.94 1.04
C LEU G 39 -42.20 -15.55 1.77
N ALA G 40 -43.10 -14.85 1.09
CA ALA G 40 -44.43 -14.61 1.63
C ALA G 40 -45.04 -15.93 2.15
N SER G 41 -44.67 -17.02 1.50
CA SER G 41 -45.23 -18.31 1.88
C SER G 41 -44.45 -19.03 3.02
N CYS G 42 -43.60 -18.28 3.71
CA CYS G 42 -42.87 -18.89 4.79
C CYS G 42 -43.85 -19.23 5.92
N PRO G 43 -43.74 -20.44 6.47
CA PRO G 43 -44.60 -20.89 7.53
C PRO G 43 -44.42 -20.05 8.79
N LYS G 44 -45.52 -19.82 9.53
CA LYS G 44 -45.56 -18.87 10.62
C LYS G 44 -45.40 -19.55 11.93
N LYS G 45 -44.93 -18.84 12.94
CA LYS G 45 -44.67 -19.51 14.20
C LYS G 45 -46.00 -19.49 14.90
N PRO G 46 -46.34 -20.58 15.59
CA PRO G 46 -47.57 -20.67 16.38
C PRO G 46 -47.54 -19.70 17.56
N VAL G 47 -48.67 -19.10 17.91
CA VAL G 47 -48.68 -18.28 19.08
C VAL G 47 -48.86 -19.13 20.34
N SER G 48 -48.62 -18.52 21.49
CA SER G 48 -48.52 -19.22 22.76
C SER G 48 -49.90 -19.41 23.37
N SER G 49 -49.97 -20.25 24.40
CA SER G 49 -51.20 -20.58 25.04
C SER G 49 -52.08 -19.38 25.35
N TYR G 50 -51.59 -18.42 26.11
CA TYR G 50 -52.45 -17.30 26.47
C TYR G 50 -52.93 -16.58 25.21
N LEU G 51 -52.07 -16.50 24.21
CA LEU G 51 -52.58 -15.91 23.00
C LEU G 51 -53.72 -16.72 22.37
N ARG G 52 -53.67 -18.04 22.45
CA ARG G 52 -54.69 -18.87 21.81
C ARG G 52 -56.01 -18.58 22.47
N PHE G 53 -56.03 -18.96 23.75
CA PHE G 53 -57.09 -18.57 24.61
C PHE G 53 -57.67 -17.18 24.20
N SER G 54 -56.85 -16.14 24.24
CA SER G 54 -57.47 -14.86 24.08
C SER G 54 -58.15 -14.77 22.71
N LYS G 55 -57.50 -15.33 21.70
CA LYS G 55 -57.94 -15.22 20.30
C LYS G 55 -59.34 -15.80 20.15
N GLU G 56 -59.60 -16.84 20.95
CA GLU G 56 -60.84 -17.56 20.91
C GLU G 56 -61.94 -16.82 21.70
N GLN G 57 -61.49 -16.12 22.74
CA GLN G 57 -62.36 -15.65 23.81
C GLN G 57 -62.85 -14.32 23.45
N LEU G 58 -61.96 -13.56 22.82
CA LEU G 58 -62.38 -12.29 22.27
C LEU G 58 -63.75 -12.43 21.62
N PRO G 59 -63.93 -13.36 20.66
CA PRO G 59 -65.22 -13.44 19.99
C PRO G 59 -66.39 -13.64 20.91
N ILE G 60 -66.27 -14.61 21.83
CA ILE G 60 -67.33 -14.90 22.79
C ILE G 60 -67.64 -13.57 23.49
N PHE G 61 -66.65 -13.05 24.24
CA PHE G 61 -66.77 -11.78 24.96
C PHE G 61 -67.39 -10.62 24.17
N LYS G 62 -66.87 -10.30 22.99
CA LYS G 62 -67.42 -9.16 22.27
C LYS G 62 -68.93 -9.38 22.01
N ALA G 63 -69.35 -10.63 21.83
CA ALA G 63 -70.77 -10.95 21.58
C ALA G 63 -71.64 -10.78 22.84
N GLN G 64 -71.06 -11.02 24.01
CA GLN G 64 -71.77 -10.80 25.23
C GLN G 64 -71.71 -9.33 25.73
N ASN G 65 -71.02 -8.46 24.99
CA ASN G 65 -70.68 -7.13 25.51
C ASN G 65 -70.47 -6.09 24.41
N PRO G 66 -71.46 -5.94 23.49
CA PRO G 66 -71.22 -5.16 22.26
C PRO G 66 -70.69 -3.75 22.52
N ASP G 67 -71.13 -3.15 23.63
CA ASP G 67 -70.71 -1.79 24.04
C ASP G 67 -69.57 -1.88 25.04
N ALA G 68 -68.37 -2.08 24.50
CA ALA G 68 -67.15 -2.26 25.28
C ALA G 68 -65.97 -2.14 24.33
N LYS G 69 -64.84 -1.67 24.85
CA LYS G 69 -63.65 -1.53 24.05
C LYS G 69 -62.95 -2.86 24.10
N THR G 70 -62.28 -3.19 23.00
CA THR G 70 -61.36 -4.33 22.93
C THR G 70 -60.41 -4.43 24.14
N THR G 71 -59.70 -3.32 24.40
CA THR G 71 -58.73 -3.19 25.50
C THR G 71 -59.31 -3.68 26.83
N GLU G 72 -60.56 -3.31 27.04
CA GLU G 72 -61.26 -3.71 28.24
C GLU G 72 -61.46 -5.24 28.27
N LEU G 73 -61.96 -5.76 27.14
CA LEU G 73 -62.35 -7.13 27.01
C LEU G 73 -61.12 -8.01 27.22
N ILE G 74 -60.05 -7.63 26.52
CA ILE G 74 -58.74 -8.23 26.70
C ILE G 74 -58.29 -8.24 28.19
N ARG G 75 -58.37 -7.09 28.88
CA ARG G 75 -58.10 -7.11 30.34
C ARG G 75 -58.95 -8.18 31.04
N ARG G 76 -60.25 -8.13 30.81
CA ARG G 76 -61.16 -9.13 31.30
C ARG G 76 -60.66 -10.55 30.98
N ILE G 77 -60.32 -10.78 29.70
CA ILE G 77 -59.87 -12.13 29.29
C ILE G 77 -58.60 -12.60 30.00
N ALA G 78 -57.67 -11.68 30.16
CA ALA G 78 -56.42 -11.95 30.85
C ALA G 78 -56.67 -12.41 32.28
N GLN G 79 -57.67 -11.78 32.91
CA GLN G 79 -58.03 -12.14 34.26
C GLN G 79 -58.55 -13.55 34.25
N ARG G 80 -59.40 -13.84 33.27
CA ARG G 80 -59.90 -15.19 33.13
C ARG G 80 -58.73 -16.14 33.05
N TRP G 81 -57.71 -15.73 32.30
CA TRP G 81 -56.55 -16.58 32.11
C TRP G 81 -55.88 -16.86 33.47
N ARG G 82 -55.63 -15.78 34.22
CA ARG G 82 -55.02 -15.87 35.53
C ARG G 82 -55.79 -16.82 36.45
N GLU G 83 -57.12 -16.68 36.43
CA GLU G 83 -58.03 -17.54 37.20
C GLU G 83 -58.03 -19.00 36.78
N LEU G 84 -57.95 -19.27 35.48
CA LEU G 84 -57.96 -20.64 34.98
C LEU G 84 -57.00 -21.61 35.73
N PRO G 85 -57.54 -22.73 36.27
CA PRO G 85 -56.66 -23.73 36.92
C PRO G 85 -55.52 -24.22 36.01
N ASP G 86 -54.39 -24.56 36.61
CA ASP G 86 -53.24 -25.02 35.82
C ASP G 86 -53.55 -26.23 34.95
N SER G 87 -54.26 -27.20 35.52
CA SER G 87 -54.65 -28.41 34.81
C SER G 87 -55.40 -28.07 33.53
N LYS G 88 -56.17 -26.99 33.57
CA LYS G 88 -56.77 -26.46 32.35
C LYS G 88 -55.75 -25.76 31.39
N LYS G 89 -54.97 -24.82 31.94
CA LYS G 89 -53.91 -24.16 31.16
C LYS G 89 -53.11 -25.21 30.42
N LYS G 90 -52.73 -26.24 31.15
CA LYS G 90 -51.91 -27.31 30.63
C LYS G 90 -52.46 -27.84 29.33
N ILE G 91 -53.76 -27.67 29.10
CA ILE G 91 -54.31 -28.15 27.84
C ILE G 91 -53.76 -27.31 26.72
N TYR G 92 -53.90 -25.98 26.81
CA TYR G 92 -53.43 -25.07 25.77
C TYR G 92 -51.93 -25.15 25.63
N GLN G 93 -51.24 -25.26 26.78
CA GLN G 93 -49.80 -25.49 26.79
C GLN G 93 -49.42 -26.67 25.90
N ASP G 94 -50.06 -27.83 26.06
CA ASP G 94 -49.62 -28.99 25.26
C ASP G 94 -49.90 -28.71 23.81
N ALA G 95 -51.00 -28.02 23.54
CA ALA G 95 -51.39 -27.72 22.20
C ALA G 95 -50.26 -26.97 21.60
N TYR G 96 -49.77 -25.98 22.35
CA TYR G 96 -48.70 -25.10 21.85
C TYR G 96 -47.42 -25.91 21.57
N ARG G 97 -47.04 -26.77 22.52
CA ARG G 97 -45.77 -27.47 22.40
C ARG G 97 -45.77 -28.33 21.14
N ALA G 98 -46.86 -29.07 20.91
CA ALA G 98 -46.99 -29.87 19.70
C ALA G 98 -47.05 -28.97 18.47
N GLU G 99 -47.62 -27.80 18.60
CA GLU G 99 -47.70 -26.95 17.46
C GLU G 99 -46.34 -26.38 17.13
N TRP G 100 -45.50 -26.24 18.13
CA TRP G 100 -44.10 -25.77 17.92
C TRP G 100 -43.33 -26.84 17.16
N GLN G 101 -43.50 -28.12 17.58
CA GLN G 101 -42.85 -29.24 16.88
C GLN G 101 -43.15 -29.26 15.41
N VAL G 102 -44.39 -28.93 15.06
CA VAL G 102 -44.77 -28.80 13.66
C VAL G 102 -43.99 -27.67 12.98
N TYR G 103 -43.87 -26.54 13.70
CA TYR G 103 -43.15 -25.40 13.13
C TYR G 103 -41.71 -25.78 12.85
N LYS G 104 -41.08 -26.47 13.81
CA LYS G 104 -39.71 -26.93 13.65
C LYS G 104 -39.57 -27.67 12.33
N GLU G 105 -40.39 -28.69 12.15
CA GLU G 105 -40.35 -29.50 10.95
C GLU G 105 -40.68 -28.63 9.74
N GLU G 106 -41.76 -27.86 9.85
CA GLU G 106 -42.17 -27.05 8.71
C GLU G 106 -41.07 -26.10 8.20
N ILE G 107 -40.40 -25.38 9.11
CA ILE G 107 -39.46 -24.34 8.69
C ILE G 107 -38.25 -24.96 8.00
N SER G 108 -37.75 -26.04 8.56
CA SER G 108 -36.60 -26.66 7.97
C SER G 108 -36.97 -27.29 6.62
N ARG G 109 -38.08 -27.99 6.53
CA ARG G 109 -38.52 -28.42 5.20
C ARG G 109 -38.54 -27.23 4.24
N PHE G 110 -38.86 -26.05 4.77
CA PHE G 110 -39.06 -24.89 3.92
C PHE G 110 -37.72 -24.44 3.34
N LYS G 111 -36.72 -24.49 4.19
CA LYS G 111 -35.42 -23.96 3.86
C LYS G 111 -34.74 -24.82 2.81
N GLU G 112 -34.89 -26.14 2.92
CA GLU G 112 -34.38 -27.04 1.86
C GLU G 112 -34.84 -26.67 0.45
N GLN G 113 -36.11 -26.50 0.26
CA GLN G 113 -36.61 -26.20 -1.07
C GLN G 113 -36.19 -24.79 -1.59
N LEU G 114 -35.34 -24.08 -0.84
CA LEU G 114 -34.85 -22.73 -1.25
C LEU G 114 -33.39 -22.74 -1.61
N THR G 115 -33.06 -21.90 -2.58
CA THR G 115 -31.69 -21.72 -3.03
C THR G 115 -30.94 -20.86 -2.00
N PRO G 116 -29.59 -20.84 -2.10
CA PRO G 116 -28.89 -20.08 -1.07
C PRO G 116 -29.17 -18.58 -1.11
N SER G 117 -29.31 -18.00 -2.30
CA SER G 117 -29.56 -16.57 -2.34
C SER G 117 -30.94 -16.29 -1.74
N GLN G 118 -31.91 -17.13 -2.05
CA GLN G 118 -33.19 -17.13 -1.32
C GLN G 118 -33.08 -17.22 0.22
N ILE G 119 -32.39 -18.26 0.71
CA ILE G 119 -32.17 -18.40 2.15
C ILE G 119 -31.66 -17.11 2.78
N MET G 120 -30.72 -16.46 2.10
CA MET G 120 -30.23 -15.17 2.48
C MET G 120 -31.25 -14.06 2.36
N SER G 121 -31.96 -13.98 1.25
CA SER G 121 -32.87 -12.83 1.12
C SER G 121 -33.99 -12.88 2.17
N LEU G 122 -34.32 -14.10 2.61
CA LEU G 122 -35.22 -14.33 3.74
C LEU G 122 -34.69 -13.66 4.98
N GLU G 123 -33.48 -14.08 5.39
CA GLU G 123 -32.88 -13.58 6.62
C GLU G 123 -32.79 -12.06 6.56
N LYS G 124 -32.41 -11.50 5.41
CA LYS G 124 -32.46 -10.05 5.28
C LYS G 124 -33.85 -9.43 5.46
N GLU G 125 -34.89 -10.05 4.90
CA GLU G 125 -36.26 -9.57 5.03
C GLU G 125 -36.65 -9.49 6.53
N ILE G 126 -36.15 -10.44 7.33
CA ILE G 126 -36.36 -10.42 8.77
C ILE G 126 -35.60 -9.23 9.42
N MET G 127 -34.29 -9.11 9.18
CA MET G 127 -33.56 -7.98 9.75
C MET G 127 -34.20 -6.66 9.30
N ASP G 128 -34.36 -6.48 7.99
CA ASP G 128 -34.92 -5.24 7.55
C ASP G 128 -36.19 -4.93 8.30
N LYS G 129 -36.99 -5.95 8.54
CA LYS G 129 -38.27 -5.77 9.23
C LYS G 129 -38.03 -5.18 10.60
N HIS G 130 -37.09 -5.81 11.31
CA HIS G 130 -36.87 -5.52 12.71
C HIS G 130 -36.27 -4.14 12.89
N LEU G 131 -35.43 -3.75 11.94
CA LEU G 131 -34.82 -2.44 11.95
C LEU G 131 -35.85 -1.36 11.65
N LYS G 132 -36.74 -1.62 10.70
CA LYS G 132 -37.77 -0.63 10.40
C LYS G 132 -38.66 -0.36 11.65
N ARG G 133 -38.85 -1.40 12.45
CA ARG G 133 -39.68 -1.26 13.62
C ARG G 133 -38.89 -0.45 14.62
N LYS G 134 -37.64 -0.83 14.87
CA LYS G 134 -36.78 -0.03 15.73
C LYS G 134 -36.83 1.45 15.27
N ALA G 135 -36.51 1.70 14.01
CA ALA G 135 -36.64 3.02 13.45
C ALA G 135 -37.94 3.75 13.84
N MET G 136 -39.11 3.18 13.50
CA MET G 136 -40.43 3.78 13.82
C MET G 136 -40.49 4.21 15.28
N THR G 137 -40.11 3.25 16.15
CA THR G 137 -40.10 3.43 17.56
C THR G 137 -39.27 4.61 18.07
N LYS G 138 -38.02 4.73 17.61
CA LYS G 138 -37.23 5.91 17.95
C LYS G 138 -37.83 7.15 17.31
N LYS G 139 -38.38 7.03 16.12
CA LYS G 139 -38.96 8.22 15.56
C LYS G 139 -40.19 8.69 16.34
N LYS G 140 -40.99 7.77 16.89
CA LYS G 140 -42.18 8.19 17.65
C LYS G 140 -41.78 8.92 18.92
N GLU G 141 -40.69 8.45 19.51
CA GLU G 141 -40.31 8.82 20.85
C GLU G 141 -39.78 10.23 20.75
N LEU G 142 -39.02 10.49 19.69
CA LEU G 142 -38.45 11.81 19.49
C LEU G 142 -39.55 12.77 19.25
N THR G 143 -40.55 12.38 18.46
CA THR G 143 -41.69 13.29 18.18
C THR G 143 -42.45 13.56 19.50
N LEU G 144 -42.66 12.52 20.30
CA LEU G 144 -43.30 12.68 21.59
C LEU G 144 -42.48 13.52 22.57
N LEU G 145 -41.18 13.60 22.40
CA LEU G 145 -40.40 14.48 23.25
C LEU G 145 -40.24 15.79 22.53
N GLY G 146 -41.05 15.99 21.49
CA GLY G 146 -41.08 17.29 20.80
C GLY G 146 -39.71 17.78 20.40
N LYS G 147 -38.97 16.94 19.68
CA LYS G 147 -37.61 17.28 19.29
C LYS G 147 -37.68 18.23 18.10
N PRO G 148 -37.01 19.38 18.20
CA PRO G 148 -37.05 20.45 17.20
C PRO G 148 -36.82 19.90 15.81
N LYS G 149 -37.52 20.40 14.79
CA LYS G 149 -37.30 19.93 13.43
C LYS G 149 -36.05 20.56 12.89
N ARG G 150 -35.34 19.82 12.05
CA ARG G 150 -34.16 20.30 11.37
C ARG G 150 -34.37 21.59 10.56
N PRO G 151 -33.28 22.37 10.34
CA PRO G 151 -33.35 23.62 9.56
C PRO G 151 -33.79 23.35 8.15
N ARG G 152 -34.78 24.13 7.70
CA ARG G 152 -35.33 24.03 6.36
C ARG G 152 -34.47 24.85 5.39
N SER G 153 -34.12 24.25 4.23
CA SER G 153 -33.24 24.88 3.25
C SER G 153 -33.85 26.13 2.63
N ALA G 154 -33.04 26.88 1.88
CA ALA G 154 -33.53 27.96 1.05
C ALA G 154 -34.67 27.45 0.18
N TYR G 155 -34.43 26.33 -0.48
CA TYR G 155 -35.36 25.66 -1.38
C TYR G 155 -36.59 25.14 -0.66
N ASN G 156 -36.41 24.55 0.53
CA ASN G 156 -37.53 24.04 1.33
C ASN G 156 -38.60 25.10 1.57
N VAL G 157 -38.19 26.29 2.01
CA VAL G 157 -39.12 27.35 2.41
C VAL G 157 -39.84 27.93 1.18
N TYR G 158 -39.21 27.80 0.02
CA TYR G 158 -39.81 28.18 -1.25
C TYR G 158 -40.92 27.19 -1.60
N VAL G 159 -40.63 25.90 -1.49
CA VAL G 159 -41.59 24.82 -1.78
C VAL G 159 -42.82 24.92 -0.87
N ALA G 160 -42.59 25.27 0.40
CA ALA G 160 -43.64 25.34 1.41
C ALA G 160 -44.61 26.48 1.15
N GLU G 161 -44.34 27.28 0.12
CA GLU G 161 -45.15 28.44 -0.18
C GLU G 161 -45.70 28.40 -1.63
N ARG G 162 -44.87 27.94 -2.56
CA ARG G 162 -45.24 27.86 -3.98
C ARG G 162 -45.67 26.45 -4.40
N PHE G 163 -46.51 25.82 -3.59
CA PHE G 163 -47.02 24.49 -3.93
C PHE G 163 -48.54 24.52 -4.14
N GLN G 164 -49.22 25.33 -3.34
CA GLN G 164 -50.66 25.57 -3.54
C GLN G 164 -50.85 25.98 -4.98
N GLU G 165 -50.20 27.08 -5.35
CA GLU G 165 -50.17 27.56 -6.72
C GLU G 165 -49.13 26.78 -7.52
N ALA G 166 -49.55 25.65 -8.11
CA ALA G 166 -48.67 24.82 -8.92
C ALA G 166 -49.44 23.85 -9.82
N LYS G 167 -49.02 23.78 -11.07
CA LYS G 167 -49.66 22.91 -12.07
C LYS G 167 -49.21 21.47 -11.99
N GLY G 168 -50.13 20.54 -12.23
CA GLY G 168 -49.84 19.10 -12.26
C GLY G 168 -50.93 18.27 -11.61
N ASP G 169 -50.93 16.97 -11.93
CA ASP G 169 -51.90 16.01 -11.39
C ASP G 169 -51.56 15.53 -9.98
N SER G 170 -50.58 14.62 -9.90
CA SER G 170 -50.09 14.06 -8.65
C SER G 170 -49.23 15.09 -7.89
N PRO G 171 -48.59 14.67 -6.78
CA PRO G 171 -47.58 15.56 -6.22
C PRO G 171 -46.32 15.59 -7.08
N GLN G 172 -45.98 14.47 -7.73
CA GLN G 172 -44.83 14.37 -8.66
C GLN G 172 -44.74 15.58 -9.57
N GLU G 173 -45.86 15.87 -10.21
CA GLU G 173 -45.94 16.91 -11.22
C GLU G 173 -46.04 18.30 -10.59
N LYS G 174 -46.90 18.43 -9.58
CA LYS G 174 -47.02 19.67 -8.81
C LYS G 174 -45.65 20.15 -8.27
N LEU G 175 -44.66 19.26 -8.28
CA LEU G 175 -43.31 19.54 -7.81
C LEU G 175 -42.40 19.99 -8.94
N LYS G 176 -42.31 19.19 -10.00
CA LYS G 176 -41.45 19.50 -11.14
C LYS G 176 -41.64 20.94 -11.59
N THR G 177 -42.87 21.44 -11.46
CA THR G 177 -43.21 22.84 -11.76
C THR G 177 -42.42 23.82 -10.87
N VAL G 178 -42.45 23.59 -9.56
CA VAL G 178 -41.76 24.43 -8.58
C VAL G 178 -40.24 24.33 -8.72
N LYS G 179 -39.79 23.12 -9.05
CA LYS G 179 -38.39 22.83 -9.38
C LYS G 179 -37.89 23.66 -10.56
N GLU G 180 -38.72 23.78 -11.61
CA GLU G 180 -38.35 24.52 -12.84
C GLU G 180 -38.09 25.99 -12.52
N ASN G 181 -38.97 26.58 -11.71
CA ASN G 181 -38.82 27.96 -11.25
C ASN G 181 -37.58 28.20 -10.41
N TRP G 182 -37.17 27.19 -9.66
CA TRP G 182 -35.99 27.31 -8.81
C TRP G 182 -34.75 27.61 -9.64
N LYS G 183 -34.57 26.88 -10.74
CA LYS G 183 -33.48 27.11 -11.68
C LYS G 183 -33.60 28.50 -12.33
N ASN G 184 -34.84 28.91 -12.61
CA ASN G 184 -35.13 30.17 -13.31
C ASN G 184 -35.09 31.44 -12.47
N LEU G 185 -35.02 31.31 -11.15
CA LEU G 185 -34.92 32.48 -10.26
C LEU G 185 -33.47 32.95 -10.16
N SER G 186 -33.31 34.18 -9.71
CA SER G 186 -32.01 34.82 -9.60
C SER G 186 -31.81 35.33 -8.19
N ASP G 187 -30.61 35.84 -7.93
CA ASP G 187 -30.18 36.32 -6.61
C ASP G 187 -31.20 37.22 -5.91
N SER G 188 -31.64 38.27 -6.61
CA SER G 188 -32.60 39.23 -6.07
C SER G 188 -33.97 38.63 -5.71
N GLU G 189 -34.38 37.62 -6.46
CA GLU G 189 -35.67 36.99 -6.25
C GLU G 189 -35.62 35.85 -5.24
N LYS G 190 -34.42 35.59 -4.71
CA LYS G 190 -34.18 34.51 -3.75
C LYS G 190 -33.81 35.04 -2.36
N GLU G 191 -33.90 36.36 -2.18
CA GLU G 191 -33.50 36.99 -0.91
C GLU G 191 -34.37 36.59 0.28
N LEU G 192 -35.62 37.06 0.29
CA LEU G 192 -36.57 36.79 1.39
C LEU G 192 -36.81 35.28 1.70
N TYR G 193 -36.29 34.40 0.85
CA TYR G 193 -36.24 32.97 1.16
C TYR G 193 -34.92 32.62 1.87
N ILE G 194 -33.79 32.92 1.22
CA ILE G 194 -32.47 32.64 1.78
C ILE G 194 -32.27 33.44 3.07
N GLN G 195 -33.06 34.50 3.22
CA GLN G 195 -33.14 35.22 4.50
C GLN G 195 -33.84 34.38 5.57
N HIS G 196 -35.00 33.82 5.24
CA HIS G 196 -35.73 32.97 6.18
C HIS G 196 -35.00 31.66 6.49
N ALA G 197 -34.26 31.13 5.51
CA ALA G 197 -33.34 30.01 5.75
C ALA G 197 -32.35 30.35 6.86
N LYS G 198 -31.61 31.45 6.67
CA LYS G 198 -30.69 31.96 7.67
C LYS G 198 -31.34 32.24 9.02
N GLU G 199 -32.58 32.70 9.01
CA GLU G 199 -33.38 32.83 10.25
C GLU G 199 -33.74 31.49 10.90
N ASP G 200 -34.31 30.58 10.11
CA ASP G 200 -34.66 29.23 10.59
C ASP G 200 -33.41 28.51 11.10
N GLU G 201 -32.26 28.82 10.50
CA GLU G 201 -30.98 28.31 10.98
C GLU G 201 -30.70 28.76 12.40
N THR G 202 -31.19 29.94 12.78
CA THR G 202 -31.01 30.44 14.15
C THR G 202 -32.16 29.97 15.04
N ARG G 203 -33.31 29.67 14.44
CA ARG G 203 -34.41 29.04 15.18
C ARG G 203 -33.99 27.65 15.62
N TYR G 204 -33.47 26.87 14.67
CA TYR G 204 -32.91 25.53 14.91
C TYR G 204 -31.85 25.56 16.03
N HIS G 205 -30.86 26.44 15.93
CA HIS G 205 -29.83 26.55 16.96
C HIS G 205 -30.45 26.74 18.35
N ASN G 206 -31.34 27.73 18.49
CA ASN G 206 -31.99 28.02 19.76
C ASN G 206 -32.84 26.87 20.29
N GLU G 207 -33.79 26.42 19.46
CA GLU G 207 -34.69 25.33 19.80
C GLU G 207 -33.92 24.04 20.18
N MET G 208 -32.89 23.68 19.39
CA MET G 208 -31.99 22.56 19.72
C MET G 208 -31.33 22.70 21.09
N LYS G 209 -30.99 23.93 21.48
CA LYS G 209 -30.34 24.14 22.76
C LYS G 209 -31.33 23.99 23.87
N SER G 210 -32.50 24.62 23.73
CA SER G 210 -33.57 24.42 24.74
C SER G 210 -33.89 22.94 24.92
N TRP G 211 -34.02 22.23 23.79
CA TRP G 211 -34.39 20.84 23.81
C TRP G 211 -33.31 19.95 24.37
N GLU G 212 -32.05 20.23 24.06
CA GLU G 212 -31.00 19.41 24.63
C GLU G 212 -30.84 19.63 26.14
N GLU G 213 -31.12 20.85 26.61
CA GLU G 213 -31.05 21.12 28.09
C GLU G 213 -32.18 20.36 28.72
N GLN G 214 -33.37 20.58 28.16
CA GLN G 214 -34.54 19.86 28.59
C GLN G 214 -34.24 18.37 28.81
N MET G 215 -33.58 17.74 27.84
CA MET G 215 -33.25 16.32 27.86
C MET G 215 -32.26 15.89 28.94
N ILE G 216 -31.20 16.66 29.08
CA ILE G 216 -30.23 16.44 30.16
C ILE G 216 -30.99 16.38 31.46
N GLU G 217 -31.92 17.31 31.60
CA GLU G 217 -32.72 17.37 32.79
C GLU G 217 -33.53 16.10 32.95
N VAL G 218 -34.09 15.61 31.85
CA VAL G 218 -35.01 14.47 31.88
C VAL G 218 -34.23 13.14 31.93
N GLY G 219 -32.89 13.20 31.96
CA GLY G 219 -32.10 12.04 32.27
C GLY G 219 -31.69 11.32 31.02
N ARG G 220 -31.55 12.08 29.93
CA ARG G 220 -31.29 11.45 28.65
C ARG G 220 -30.20 12.12 27.80
N LYS G 221 -28.99 12.16 28.36
CA LYS G 221 -27.81 12.69 27.66
C LYS G 221 -27.59 11.98 26.30
N ASP G 222 -28.28 10.87 26.09
CA ASP G 222 -27.98 9.99 24.99
C ASP G 222 -28.59 10.52 23.70
N LEU G 223 -29.59 11.38 23.81
CA LEU G 223 -30.16 11.99 22.61
C LEU G 223 -29.44 13.27 22.17
N LEU G 224 -28.25 13.50 22.75
CA LEU G 224 -27.50 14.68 22.43
C LEU G 224 -26.56 14.46 21.24
N ARG G 225 -26.49 15.46 20.34
CA ARG G 225 -25.51 15.43 19.26
C ARG G 225 -24.10 15.08 19.75
N ARG G 226 -23.25 14.55 18.87
CA ARG G 226 -21.82 14.22 19.15
C ARG G 226 -21.69 12.94 19.97
N SER H 37 -12.24 -13.98 1.24
CA SER H 37 -12.08 -15.20 0.41
C SER H 37 -12.03 -14.83 -1.09
N VAL H 38 -13.04 -14.14 -1.56
CA VAL H 38 -13.22 -13.75 -2.95
C VAL H 38 -13.63 -12.31 -2.77
N LEU H 39 -14.23 -12.08 -1.60
CA LEU H 39 -14.72 -10.78 -1.16
C LEU H 39 -13.59 -10.05 -0.45
N ALA H 40 -12.65 -10.83 0.09
CA ALA H 40 -11.44 -10.26 0.60
C ALA H 40 -10.76 -9.43 -0.48
N SER H 41 -11.02 -9.77 -1.74
CA SER H 41 -10.38 -9.10 -2.85
C SER H 41 -11.14 -7.88 -3.31
N CYS H 42 -12.13 -7.47 -2.54
CA CYS H 42 -12.91 -6.30 -2.91
C CYS H 42 -12.05 -5.03 -2.86
N PRO H 43 -12.12 -4.20 -3.92
CA PRO H 43 -11.31 -3.03 -4.02
C PRO H 43 -11.66 -2.06 -2.89
N LYS H 44 -10.64 -1.39 -2.35
CA LYS H 44 -10.75 -0.55 -1.15
C LYS H 44 -10.96 0.88 -1.52
N LYS H 45 -11.60 1.65 -0.64
CA LYS H 45 -11.88 3.05 -0.97
C LYS H 45 -10.61 3.80 -0.69
N PRO H 46 -10.30 4.78 -1.53
CA PRO H 46 -9.15 5.63 -1.30
C PRO H 46 -9.29 6.51 -0.05
N VAL H 47 -8.22 6.76 0.67
CA VAL H 47 -8.38 7.68 1.78
C VAL H 47 -8.22 9.13 1.31
N SER H 48 -8.70 10.05 2.13
CA SER H 48 -8.74 11.47 1.80
C SER H 48 -7.37 12.17 1.87
N SER H 49 -7.28 13.35 1.25
CA SER H 49 -6.07 14.17 1.26
C SER H 49 -5.32 14.29 2.62
N TYR H 50 -5.97 14.74 3.68
CA TYR H 50 -5.25 14.79 4.93
C TYR H 50 -4.74 13.37 5.31
N LEU H 51 -5.53 12.35 5.04
CA LEU H 51 -4.99 11.05 5.30
C LEU H 51 -3.75 10.70 4.45
N ARG H 52 -3.69 11.16 3.21
CA ARG H 52 -2.54 10.85 2.37
C ARG H 52 -1.33 11.51 2.96
N PHE H 53 -1.37 12.84 2.94
CA PHE H 53 -0.38 13.62 3.58
C PHE H 53 0.10 12.96 4.86
N SER H 54 -0.80 12.71 5.80
CA SER H 54 -0.25 12.15 7.06
C SER H 54 0.56 10.89 6.80
N LYS H 55 0.06 10.01 5.94
CA LYS H 55 0.58 8.65 5.75
C LYS H 55 2.01 8.72 5.29
N GLU H 56 2.27 9.69 4.44
CA GLU H 56 3.60 9.90 3.87
C GLU H 56 4.53 10.57 4.91
N GLN H 57 3.92 11.45 5.73
CA GLN H 57 4.67 12.38 6.60
C GLN H 57 5.09 11.73 7.84
N LEU H 58 4.22 10.89 8.40
CA LEU H 58 4.60 10.12 9.54
C LEU H 58 6.05 9.62 9.37
N PRO H 59 6.41 8.94 8.22
CA PRO H 59 7.72 8.27 8.14
C PRO H 59 8.86 9.24 8.30
N ILE H 60 8.76 10.35 7.55
CA ILE H 60 9.74 11.41 7.60
C ILE H 60 9.87 11.82 9.08
N PHE H 61 8.75 12.22 9.69
CA PHE H 61 8.74 12.70 11.06
C PHE H 61 9.35 11.71 12.05
N LYS H 62 8.98 10.45 11.98
CA LYS H 62 9.46 9.54 13.02
C LYS H 62 10.99 9.43 12.87
N ALA H 63 11.49 9.66 11.64
CA ALA H 63 12.92 9.58 11.37
C ALA H 63 13.66 10.76 11.96
N GLN H 64 12.99 11.88 12.03
CA GLN H 64 13.59 13.05 12.55
C GLN H 64 13.42 13.13 14.06
N ASN H 65 12.71 12.16 14.63
CA ASN H 65 12.23 12.32 16.02
C ASN H 65 12.06 11.00 16.73
N PRO H 66 13.09 10.13 16.73
CA PRO H 66 12.91 8.73 17.21
C PRO H 66 12.23 8.59 18.58
N ASP H 67 12.56 9.51 19.48
CA ASP H 67 12.01 9.51 20.83
C ASP H 67 10.80 10.44 20.88
N ALA H 68 9.67 9.90 20.43
CA ALA H 68 8.41 10.62 20.35
C ALA H 68 7.31 9.62 20.14
N LYS H 69 6.12 9.94 20.62
CA LYS H 69 4.99 9.07 20.44
C LYS H 69 4.35 9.44 19.11
N THR H 70 3.83 8.42 18.42
CA THR H 70 3.00 8.60 17.24
C THR H 70 1.95 9.71 17.38
N THR H 71 1.17 9.63 18.48
CA THR H 71 0.07 10.58 18.78
C THR H 71 0.59 12.01 18.71
N GLU H 72 1.82 12.20 19.18
CA GLU H 72 2.44 13.52 19.18
C GLU H 72 2.75 13.95 17.75
N LEU H 73 3.43 13.05 17.05
CA LEU H 73 3.89 13.28 15.68
C LEU H 73 2.70 13.61 14.82
N ILE H 74 1.66 12.77 14.96
CA ILE H 74 0.36 13.03 14.30
C ILE H 74 -0.18 14.45 14.57
N ARG H 75 -0.24 14.84 15.87
CA ARG H 75 -0.63 16.23 16.20
C ARG H 75 0.21 17.21 15.43
N ARG H 76 1.54 16.99 15.49
CA ARG H 76 2.48 17.81 14.73
C ARG H 76 2.16 17.89 13.23
N ILE H 77 1.89 16.71 12.63
CA ILE H 77 1.60 16.66 11.18
C ILE H 77 0.31 17.39 10.80
N ALA H 78 -0.76 17.18 11.62
CA ALA H 78 -2.05 17.85 11.46
C ALA H 78 -1.86 19.36 11.39
N GLN H 79 -1.02 19.88 12.29
CA GLN H 79 -0.69 21.28 12.32
C GLN H 79 -0.06 21.69 11.00
N ARG H 80 0.91 20.89 10.56
CA ARG H 80 1.50 21.13 9.26
C ARG H 80 0.42 21.21 8.21
N TRP H 81 -0.58 20.35 8.34
CA TRP H 81 -1.61 20.30 7.34
C TRP H 81 -2.36 21.62 7.32
N ARG H 82 -2.75 22.09 8.52
CA ARG H 82 -3.52 23.30 8.72
C ARG H 82 -2.77 24.43 8.09
N GLU H 83 -1.47 24.50 8.42
CA GLU H 83 -0.54 25.51 7.88
C GLU H 83 -0.37 25.50 6.35
N LEU H 84 -0.41 24.32 5.74
CA LEU H 84 -0.18 24.19 4.30
C LEU H 84 -1.13 25.05 3.45
N PRO H 85 -0.58 25.83 2.51
CA PRO H 85 -1.42 26.67 1.64
C PRO H 85 -2.44 25.87 0.85
N ASP H 86 -3.62 26.47 0.64
CA ASP H 86 -4.69 25.81 -0.12
C ASP H 86 -4.24 25.30 -1.48
N SER H 87 -3.49 26.14 -2.21
CA SER H 87 -2.95 25.79 -3.52
C SER H 87 -2.11 24.50 -3.46
N LYS H 88 -1.42 24.28 -2.34
CA LYS H 88 -0.76 23.01 -2.12
C LYS H 88 -1.75 21.89 -1.77
N LYS H 89 -2.64 22.15 -0.81
CA LYS H 89 -3.64 21.15 -0.42
C LYS H 89 -4.28 20.66 -1.69
N LYS H 90 -4.64 21.63 -2.55
CA LYS H 90 -5.37 21.35 -3.78
C LYS H 90 -4.71 20.30 -4.62
N ILE H 91 -3.42 20.07 -4.36
CA ILE H 91 -2.74 19.01 -5.10
C ILE H 91 -3.24 17.67 -4.61
N TYR H 92 -3.20 17.43 -3.30
CA TYR H 92 -3.64 16.13 -2.74
C TYR H 92 -5.14 15.98 -2.99
N GLN H 93 -5.88 17.09 -2.81
CA GLN H 93 -7.31 17.10 -3.19
C GLN H 93 -7.55 16.49 -4.56
N ASP H 94 -6.90 17.00 -5.61
CA ASP H 94 -7.14 16.46 -6.94
C ASP H 94 -6.75 15.01 -7.01
N ALA H 95 -5.62 14.66 -6.37
CA ALA H 95 -5.21 13.29 -6.31
C ALA H 95 -6.36 12.44 -5.84
N TYR H 96 -7.00 12.89 -4.75
CA TYR H 96 -8.09 12.12 -4.14
C TYR H 96 -9.30 11.99 -5.06
N ARG H 97 -9.70 13.10 -5.67
CA ARG H 97 -10.86 13.10 -6.53
C ARG H 97 -10.67 12.10 -7.66
N ALA H 98 -9.49 12.13 -8.29
CA ALA H 98 -9.21 11.18 -9.37
C ALA H 98 -9.14 9.75 -8.85
N GLU H 99 -8.68 9.60 -7.63
CA GLU H 99 -8.56 8.27 -7.08
C GLU H 99 -9.93 7.75 -6.73
N TRP H 100 -10.85 8.65 -6.38
CA TRP H 100 -12.27 8.25 -6.17
C TRP H 100 -12.95 7.75 -7.47
N GLN H 101 -12.73 8.48 -8.56
CA GLN H 101 -13.22 8.04 -9.86
C GLN H 101 -12.76 6.65 -10.22
N VAL H 102 -11.53 6.30 -9.85
CA VAL H 102 -11.06 4.96 -10.08
C VAL H 102 -11.85 3.95 -9.24
N TYR H 103 -12.15 4.32 -8.00
CA TYR H 103 -12.85 3.41 -7.13
C TYR H 103 -14.23 3.15 -7.69
N LYS H 104 -14.88 4.22 -8.17
CA LYS H 104 -16.22 4.13 -8.73
C LYS H 104 -16.18 3.03 -9.77
N GLU H 105 -15.29 3.19 -10.73
CA GLU H 105 -15.18 2.24 -11.81
C GLU H 105 -14.80 0.87 -11.25
N GLU H 106 -13.77 0.84 -10.42
CA GLU H 106 -13.36 -0.44 -9.85
C GLU H 106 -14.50 -1.23 -9.20
N ILE H 107 -15.23 -0.62 -8.26
CA ILE H 107 -16.25 -1.34 -7.47
C ILE H 107 -17.38 -1.94 -8.34
N SER H 108 -17.88 -1.12 -9.27
CA SER H 108 -18.91 -1.57 -10.18
C SER H 108 -18.42 -2.72 -11.10
N ARG H 109 -17.24 -2.59 -11.71
CA ARG H 109 -16.67 -3.74 -12.43
C ARG H 109 -16.62 -4.96 -11.49
N PHE H 110 -16.39 -4.71 -10.22
CA PHE H 110 -16.18 -5.82 -9.30
C PHE H 110 -17.48 -6.59 -9.14
N LYS H 111 -18.57 -5.81 -9.13
CA LYS H 111 -19.85 -6.32 -8.76
C LYS H 111 -20.41 -7.16 -9.88
N GLU H 112 -20.26 -6.69 -11.11
CA GLU H 112 -20.61 -7.51 -12.28
C GLU H 112 -20.06 -8.94 -12.24
N GLN H 113 -18.76 -9.08 -12.02
CA GLN H 113 -18.18 -10.41 -12.03
C GLN H 113 -18.63 -11.30 -10.82
N LEU H 114 -19.58 -10.82 -10.02
CA LEU H 114 -20.12 -11.61 -8.89
C LEU H 114 -21.55 -12.06 -9.08
N THR H 115 -21.86 -13.21 -8.51
CA THR H 115 -23.19 -13.78 -8.59
C THR H 115 -24.09 -13.03 -7.61
N PRO H 116 -25.43 -13.13 -7.78
CA PRO H 116 -26.30 -12.42 -6.82
C PRO H 116 -26.16 -12.89 -5.36
N SER H 117 -25.97 -14.18 -5.11
CA SER H 117 -25.79 -14.61 -3.71
C SER H 117 -24.51 -13.99 -3.16
N GLN H 118 -23.46 -13.93 -4.00
CA GLN H 118 -22.24 -13.19 -3.63
C GLN H 118 -22.48 -11.71 -3.29
N ILE H 119 -23.14 -10.98 -4.20
CA ILE H 119 -23.43 -9.58 -4.00
C ILE H 119 -24.09 -9.39 -2.67
N MET H 120 -24.98 -10.29 -2.33
CA MET H 120 -25.61 -10.28 -1.01
C MET H 120 -24.68 -10.60 0.15
N SER H 121 -23.85 -11.64 0.03
CA SER H 121 -23.02 -12.00 1.16
C SER H 121 -22.02 -10.87 1.43
N LEU H 122 -21.67 -10.12 0.39
CA LEU H 122 -20.83 -8.93 0.53
C LEU H 122 -21.51 -7.97 1.45
N GLU H 123 -22.68 -7.53 1.04
CA GLU H 123 -23.38 -6.48 1.78
C GLU H 123 -23.60 -6.91 3.21
N LYS H 124 -23.88 -8.19 3.41
CA LYS H 124 -23.95 -8.72 4.79
C LYS H 124 -22.61 -8.64 5.54
N GLU H 125 -21.50 -8.93 4.86
CA GLU H 125 -20.17 -8.86 5.49
C GLU H 125 -19.94 -7.44 6.00
N ILE H 126 -20.38 -6.44 5.23
CA ILE H 126 -20.31 -5.04 5.63
C ILE H 126 -21.16 -4.75 6.89
N MET H 127 -22.48 -5.04 6.83
CA MET H 127 -23.36 -4.87 7.99
C MET H 127 -22.84 -5.60 9.22
N ASP H 128 -22.51 -6.89 9.05
CA ASP H 128 -21.99 -7.63 10.18
C ASP H 128 -20.82 -6.89 10.82
N LYS H 129 -19.90 -6.45 9.97
CA LYS H 129 -18.73 -5.70 10.44
C LYS H 129 -19.16 -4.52 11.32
N HIS H 130 -20.02 -3.68 10.76
CA HIS H 130 -20.43 -2.44 11.41
C HIS H 130 -21.15 -2.67 12.74
N LEU H 131 -21.96 -3.72 12.80
CA LEU H 131 -22.66 -4.09 14.01
C LEU H 131 -21.71 -4.62 15.07
N LYS H 132 -20.73 -5.42 14.68
CA LYS H 132 -19.74 -5.91 15.64
C LYS H 132 -19.01 -4.72 16.33
N ARG H 133 -18.78 -3.68 15.52
CA ARG H 133 -18.05 -2.53 16.01
C ARG H 133 -18.96 -1.81 16.98
N LYS H 134 -20.22 -1.65 16.58
CA LYS H 134 -21.19 -1.01 17.45
C LYS H 134 -21.29 -1.77 18.75
N ALA H 135 -21.50 -3.09 18.68
CA ALA H 135 -21.42 -3.93 19.86
C ALA H 135 -20.18 -3.63 20.70
N MET H 136 -18.97 -3.80 20.15
CA MET H 136 -17.71 -3.60 20.92
C MET H 136 -17.78 -2.31 21.72
N THR H 137 -18.16 -1.26 21.01
CA THR H 137 -18.25 0.10 21.54
C THR H 137 -19.18 0.24 22.75
N LYS H 138 -20.40 -0.28 22.65
CA LYS H 138 -21.31 -0.31 23.79
C LYS H 138 -20.80 -1.21 24.87
N LYS H 139 -20.15 -2.30 24.53
CA LYS H 139 -19.60 -3.13 25.58
C LYS H 139 -18.46 -2.42 26.36
N LYS H 140 -17.60 -1.65 25.67
CA LYS H 140 -16.52 -0.94 26.34
C LYS H 140 -17.07 0.09 27.31
N GLU H 141 -18.14 0.72 26.88
CA GLU H 141 -18.71 1.86 27.57
C GLU H 141 -19.38 1.41 28.85
N LEU H 142 -20.10 0.30 28.78
CA LEU H 142 -20.67 -0.29 29.98
C LEU H 142 -19.60 -0.69 30.93
N THR H 143 -18.51 -1.29 30.44
CA THR H 143 -17.43 -1.72 31.35
C THR H 143 -16.80 -0.50 32.00
N LEU H 144 -16.60 0.56 31.20
CA LEU H 144 -16.07 1.82 31.74
C LEU H 144 -17.03 2.55 32.69
N LEU H 145 -18.31 2.23 32.65
CA LEU H 145 -19.22 2.72 33.69
C LEU H 145 -19.38 1.64 34.78
N GLY H 146 -18.46 0.70 34.84
CA GLY H 146 -18.48 -0.33 35.85
C GLY H 146 -19.85 -0.91 36.08
N LYS H 147 -20.51 -1.36 35.01
CA LYS H 147 -21.84 -1.97 35.14
C LYS H 147 -21.69 -3.35 35.75
N PRO H 148 -22.45 -3.61 36.80
CA PRO H 148 -22.46 -4.87 37.55
C PRO H 148 -22.52 -6.10 36.65
N LYS H 149 -21.72 -7.13 36.93
CA LYS H 149 -21.81 -8.36 36.14
C LYS H 149 -23.04 -9.17 36.49
N ARG H 150 -23.54 -9.90 35.51
CA ARG H 150 -24.77 -10.70 35.67
C ARG H 150 -24.62 -11.75 36.74
N PRO H 151 -25.76 -12.25 37.28
CA PRO H 151 -25.70 -13.28 38.32
C PRO H 151 -25.11 -14.56 37.80
N ARG H 152 -24.17 -15.14 38.53
CA ARG H 152 -23.48 -16.37 38.13
C ARG H 152 -24.32 -17.55 38.58
N SER H 153 -24.49 -18.54 37.70
CA SER H 153 -25.39 -19.68 37.96
C SER H 153 -24.84 -20.60 39.04
N ALA H 154 -25.64 -21.57 39.46
CA ALA H 154 -25.19 -22.61 40.36
C ALA H 154 -23.93 -23.24 39.78
N TYR H 155 -24.03 -23.54 38.49
CA TYR H 155 -22.98 -24.20 37.72
C TYR H 155 -21.77 -23.30 37.50
N ASN H 156 -22.00 -22.02 37.27
CA ASN H 156 -20.90 -21.07 37.04
C ASN H 156 -19.92 -21.04 38.22
N VAL H 157 -20.45 -20.92 39.44
CA VAL H 157 -19.63 -20.75 40.64
C VAL H 157 -18.84 -22.03 40.94
N TYR H 158 -19.40 -23.16 40.49
CA TYR H 158 -18.73 -24.46 40.58
C TYR H 158 -17.53 -24.49 39.64
N VAL H 159 -17.74 -24.09 38.39
CA VAL H 159 -16.68 -24.02 37.38
C VAL H 159 -15.55 -23.06 37.77
N ALA H 160 -15.92 -21.96 38.42
CA ALA H 160 -14.96 -20.93 38.86
C ALA H 160 -14.04 -21.41 39.99
N GLU H 161 -14.26 -22.63 40.47
CA GLU H 161 -13.49 -23.18 41.58
C GLU H 161 -12.85 -24.52 41.21
N ARG H 162 -13.59 -25.34 40.47
CA ARG H 162 -13.13 -26.67 40.06
C ARG H 162 -12.57 -26.70 38.63
N PHE H 163 -11.75 -25.70 38.28
CA PHE H 163 -11.10 -25.67 36.98
C PHE H 163 -9.58 -25.78 37.10
N GLN H 164 -9.00 -25.18 38.13
CA GLN H 164 -7.59 -25.34 38.42
C GLN H 164 -7.31 -26.84 38.47
N GLU H 165 -7.99 -27.52 39.38
CA GLU H 165 -7.93 -28.97 39.51
C GLU H 165 -8.84 -29.61 38.47
N ALA H 166 -8.30 -29.85 37.28
CA ALA H 166 -9.06 -30.46 36.17
C ALA H 166 -8.14 -31.03 35.09
N LYS H 167 -8.48 -32.24 34.65
CA LYS H 167 -7.71 -32.94 33.64
C LYS H 167 -8.05 -32.49 32.23
N GLY H 168 -7.04 -32.43 31.37
CA GLY H 168 -7.24 -32.11 29.96
C GLY H 168 -6.16 -31.22 29.40
N ASP H 169 -6.08 -31.16 28.07
CA ASP H 169 -5.07 -30.36 27.37
C ASP H 169 -5.47 -28.90 27.25
N SER H 170 -6.39 -28.64 26.32
CA SER H 170 -6.91 -27.31 26.03
C SER H 170 -7.89 -26.89 27.12
N PRO H 171 -8.61 -25.76 26.93
CA PRO H 171 -9.72 -25.52 27.84
C PRO H 171 -10.92 -26.41 27.54
N GLN H 172 -11.12 -26.80 26.26
CA GLN H 172 -12.18 -27.76 25.83
C GLN H 172 -12.28 -28.95 26.76
N GLU H 173 -11.12 -29.56 27.00
CA GLU H 173 -11.03 -30.79 27.76
C GLU H 173 -11.08 -30.51 29.25
N LYS H 174 -10.33 -29.50 29.70
CA LYS H 174 -10.37 -29.07 31.09
C LYS H 174 -11.79 -28.77 31.58
N LEU H 175 -12.72 -28.65 30.63
CA LEU H 175 -14.13 -28.35 30.90
C LEU H 175 -14.99 -29.60 30.97
N LYS H 176 -14.92 -30.44 29.93
CA LYS H 176 -15.72 -31.66 29.87
C LYS H 176 -15.62 -32.45 31.17
N THR H 177 -14.44 -32.40 31.78
CA THR H 177 -14.15 -33.02 33.08
C THR H 177 -15.07 -32.45 34.18
N VAL H 178 -15.13 -31.13 34.28
CA VAL H 178 -15.94 -30.43 35.29
C VAL H 178 -17.44 -30.63 35.01
N LYS H 179 -17.77 -30.71 33.72
CA LYS H 179 -19.10 -31.02 33.23
C LYS H 179 -19.56 -32.41 33.72
N GLU H 180 -18.66 -33.40 33.62
CA GLU H 180 -18.99 -34.78 34.01
C GLU H 180 -19.34 -34.89 35.49
N ASN H 181 -18.60 -34.18 36.33
CA ASN H 181 -18.88 -34.12 37.77
C ASN H 181 -20.21 -33.44 38.10
N TRP H 182 -20.63 -32.50 37.25
CA TRP H 182 -21.86 -31.78 37.48
C TRP H 182 -23.04 -32.74 37.46
N LYS H 183 -23.07 -33.63 36.47
CA LYS H 183 -24.11 -34.65 36.36
C LYS H 183 -24.05 -35.63 37.54
N ASN H 184 -22.82 -35.93 37.97
CA ASN H 184 -22.56 -36.91 39.03
C ASN H 184 -22.77 -36.41 40.46
N LEU H 185 -22.92 -35.10 40.65
CA LEU H 185 -23.17 -34.55 41.98
C LEU H 185 -24.64 -34.67 42.37
N SER H 186 -24.90 -34.60 43.67
CA SER H 186 -26.25 -34.73 44.22
C SER H 186 -26.60 -33.51 45.05
N ASP H 187 -27.86 -33.46 45.47
CA ASP H 187 -28.43 -32.33 46.24
C ASP H 187 -27.51 -31.83 47.36
N SER H 188 -27.10 -32.74 48.25
CA SER H 188 -26.26 -32.41 49.41
C SER H 188 -24.91 -31.82 49.02
N GLU H 189 -24.36 -32.25 47.89
CA GLU H 189 -23.05 -31.80 47.46
C GLU H 189 -23.11 -30.53 46.62
N LYS H 190 -24.33 -30.05 46.35
CA LYS H 190 -24.56 -28.85 45.55
C LYS H 190 -25.09 -27.67 46.37
N GLU H 191 -25.14 -27.83 47.69
CA GLU H 191 -25.67 -26.80 48.58
C GLU H 191 -24.85 -25.51 48.57
N LEU H 192 -23.62 -25.55 49.09
CA LEU H 192 -22.75 -24.36 49.24
C LEU H 192 -22.44 -23.66 47.90
N TYR H 193 -22.84 -24.27 46.78
CA TYR H 193 -22.80 -23.60 45.49
C TYR H 193 -24.14 -22.91 45.20
N ILE H 194 -25.22 -23.67 45.21
CA ILE H 194 -26.57 -23.14 44.98
C ILE H 194 -26.92 -22.12 46.07
N GLN H 195 -26.20 -22.17 47.19
CA GLN H 195 -26.31 -21.15 48.21
C GLN H 195 -25.66 -19.86 47.73
N HIS H 196 -24.44 -19.97 47.21
CA HIS H 196 -23.72 -18.81 46.72
C HIS H 196 -24.36 -18.23 45.44
N ALA H 197 -25.02 -19.08 44.65
CA ALA H 197 -25.86 -18.61 43.55
C ALA H 197 -26.95 -17.68 44.08
N LYS H 198 -27.70 -18.17 45.06
CA LYS H 198 -28.76 -17.41 45.71
C LYS H 198 -28.26 -16.13 46.36
N GLU H 199 -27.03 -16.17 46.88
CA GLU H 199 -26.37 -14.99 47.43
C GLU H 199 -25.98 -14.00 46.33
N ASP H 200 -25.31 -14.51 45.28
CA ASP H 200 -24.90 -13.67 44.15
C ASP H 200 -26.12 -13.05 43.49
N GLU H 201 -27.23 -13.79 43.48
CA GLU H 201 -28.51 -13.26 43.04
C GLU H 201 -28.93 -12.00 43.79
N THR H 202 -28.63 -11.93 45.09
CA THR H 202 -28.92 -10.74 45.88
C THR H 202 -27.81 -9.69 45.75
N ARG H 203 -26.59 -10.13 45.40
CA ARG H 203 -25.51 -9.19 45.09
C ARG H 203 -25.88 -8.44 43.80
N TYR H 204 -26.23 -9.21 42.77
CA TYR H 204 -26.71 -8.66 41.52
C TYR H 204 -27.82 -7.64 41.78
N HIS H 205 -28.88 -8.04 42.48
CA HIS H 205 -29.99 -7.11 42.78
C HIS H 205 -29.53 -5.81 43.40
N ASN H 206 -28.69 -5.89 44.43
CA ASN H 206 -28.19 -4.68 45.08
C ASN H 206 -27.32 -3.85 44.16
N GLU H 207 -26.34 -4.50 43.54
CA GLU H 207 -25.39 -3.80 42.70
C GLU H 207 -26.09 -3.12 41.52
N MET H 208 -27.01 -3.85 40.87
CA MET H 208 -27.87 -3.32 39.79
C MET H 208 -28.62 -2.06 40.18
N LYS H 209 -29.14 -2.04 41.41
CA LYS H 209 -29.86 -0.87 41.92
C LYS H 209 -28.92 0.32 42.18
N SER H 210 -27.79 0.11 42.85
CA SER H 210 -26.82 1.19 43.04
C SER H 210 -26.42 1.76 41.69
N TRP H 211 -26.18 0.86 40.72
CA TRP H 211 -25.70 1.28 39.42
C TRP H 211 -26.77 2.00 38.64
N GLU H 212 -28.02 1.55 38.75
CA GLU H 212 -29.06 2.23 37.98
C GLU H 212 -29.38 3.62 38.53
N GLU H 213 -29.25 3.80 39.85
CA GLU H 213 -29.40 5.14 40.44
C GLU H 213 -28.24 5.97 39.97
N GLN H 214 -27.02 5.44 40.14
CA GLN H 214 -25.83 6.13 39.68
C GLN H 214 -26.09 6.71 38.26
N MET H 215 -26.57 5.86 37.36
CA MET H 215 -26.81 6.21 35.96
C MET H 215 -27.84 7.33 35.79
N ILE H 216 -28.97 7.20 36.48
CA ILE H 216 -30.00 8.23 36.50
C ILE H 216 -29.41 9.60 36.81
N GLU H 217 -28.54 9.60 37.82
CA GLU H 217 -27.82 10.79 38.20
C GLU H 217 -26.94 11.27 37.08
N VAL H 218 -26.27 10.35 36.39
CA VAL H 218 -25.30 10.70 35.34
C VAL H 218 -26.00 11.01 34.00
N GLY H 219 -27.33 11.12 34.03
CA GLY H 219 -28.11 11.57 32.88
C GLY H 219 -28.41 10.50 31.82
N ARG H 220 -28.47 9.23 32.26
CA ARG H 220 -28.52 8.10 31.34
C ARG H 220 -29.60 7.03 31.64
N LYS H 221 -30.85 7.48 31.71
CA LYS H 221 -31.99 6.60 31.94
C LYS H 221 -32.09 5.50 30.86
N ASP H 222 -31.35 5.68 29.77
CA ASP H 222 -31.43 4.79 28.64
C ASP H 222 -30.77 3.47 28.94
N LEU H 223 -29.83 3.42 29.89
CA LEU H 223 -29.17 2.16 30.20
C LEU H 223 -29.92 1.37 31.27
N LEU H 224 -31.18 1.74 31.51
CA LEU H 224 -32.00 1.07 32.52
C LEU H 224 -32.80 -0.07 31.93
N ARG H 225 -32.90 -1.18 32.67
CA ARG H 225 -33.74 -2.30 32.27
C ARG H 225 -35.16 -1.86 31.97
N ARG H 226 -35.87 -2.62 31.13
CA ARG H 226 -37.26 -2.31 30.71
C ARG H 226 -37.31 -1.17 29.69
#